data_2UW1
#
_entry.id   2UW1
#
_cell.length_a   61.122
_cell.length_b   61.863
_cell.length_c   201.002
_cell.angle_alpha   90.00
_cell.angle_beta   90.00
_cell.angle_gamma   90.00
#
_symmetry.space_group_name_H-M   'P 21 21 21'
#
loop_
_entity.id
_entity.type
_entity.pdbx_description
1 polymer 'PLASTID DELTA4 MULTIFUNCTIONAL ACYL-ACYL CARRIER PROTEIN DESATURASE'
2 polymer 'PLASTID DELTA4 MULTIFUNCTIONAL ACYL-ACYL CARRIER PROTEIN DESATURASE'
3 non-polymer 'FE (III) ION'
4 non-polymer 'SODIUM ION'
5 non-polymer '(3R)-3-HYDROXY-5,5-DIMETHYLHEXANOIC ACID'
6 water water
#
loop_
_entity_poly.entity_id
_entity_poly.type
_entity_poly.pdbx_seq_one_letter_code
_entity_poly.pdbx_strand_id
1 'polypeptide(L)'
;MQVTHSMPPQKLEIFKSLDDWARNNVLIHLKSVEKSWQPQDYLPDPVSDGFEEQVRELRERAKEIPDDYFVVLVGDMITE
EALPTYMSMLNRCDGIKDETGAEPSAWAMWTRAWTAEENRHGDLLNKYLYLSGRVDMRKIEKTIQYLIGSGMDIKSENSP
YLGFIYTSFQERATFISHANTAKLAQHYGDKKLAHICGSIASDEKRHATAYTKIVEKLAEIDPDTTVIAFADMMRKKITM
PAHLMYDGSDELLFKHFTAVAQRLGVYSALDYCDILEFLVDKWNVERLTGLSDEGRKAQEYVCELGPKIRRLEERAQGRA
KEAPTMPFSWIFDRQVKL
;
A
2 'polypeptide(L)'
;MQVTHSMPPQKLEIFKSLDDWARNNVLIHLKSVEKSWQPQDYLPDPVSDGFEEQVRELRERAKEIPDDYFVVLVGDMITE
EALPTYMSMLNRCDGIKDETGAEPSAWAMWTRAWTAEENRHGDLLNKYLYLSGRVDMRKIEKTIQYLIGSGMDIKSENSP
YLGFIYTSFQERATFISHANTAKLAQHWGDKNLAHICGSIASDEKRHATAYTKIVEKLAEIDPDTTVIAFADMMRKKITM
PAHLMYDGSDELLFKHFTAVAQRVGVYSALDYCDILEFLVDKWNVERLTGLSDEGRKAQEYVCELGPKIRRLEERAQGRA
KEAPTMPFSWIFDRQVKL
;
B
#
# COMPACT_ATOMS: atom_id res chain seq x y z
N LEU A 12 -26.85 -0.91 -7.85
CA LEU A 12 -26.18 0.34 -7.38
C LEU A 12 -26.79 0.84 -6.08
N GLU A 13 -28.12 0.95 -6.08
CA GLU A 13 -28.88 1.34 -4.90
C GLU A 13 -28.95 0.20 -3.89
N ILE A 14 -28.78 -1.03 -4.38
CA ILE A 14 -28.76 -2.22 -3.53
C ILE A 14 -27.68 -2.11 -2.44
N PHE A 15 -26.49 -1.63 -2.80
CA PHE A 15 -25.39 -1.54 -1.84
C PHE A 15 -25.58 -0.42 -0.82
N LYS A 16 -26.15 0.70 -1.25
CA LYS A 16 -26.55 1.75 -0.32
C LYS A 16 -27.63 1.23 0.63
N SER A 17 -28.60 0.48 0.10
CA SER A 17 -29.69 -0.07 0.91
C SER A 17 -29.20 -1.13 1.89
N LEU A 18 -28.05 -1.75 1.57
CA LEU A 18 -27.45 -2.76 2.41
C LEU A 18 -26.41 -2.24 3.39
N ASP A 19 -26.32 -0.91 3.54
CA ASP A 19 -25.30 -0.31 4.41
C ASP A 19 -25.44 -0.72 5.88
N ASP A 20 -26.64 -0.56 6.44
CA ASP A 20 -26.93 -1.02 7.80
C ASP A 20 -26.66 -2.51 7.95
N TRP A 21 -27.14 -3.30 6.99
CA TRP A 21 -26.90 -4.75 7.00
C TRP A 21 -25.40 -5.05 7.08
N ALA A 22 -24.60 -4.32 6.28
CA ALA A 22 -23.14 -4.51 6.28
C ALA A 22 -22.49 -4.16 7.62
N ARG A 23 -22.95 -3.08 8.25
CA ARG A 23 -22.47 -2.70 9.58
C ARG A 23 -22.68 -3.82 10.61
N ASN A 24 -23.84 -4.47 10.51
CA ASN A 24 -24.24 -5.52 11.45
C ASN A 24 -23.74 -6.93 11.11
N ASN A 25 -23.37 -7.14 9.85
CA ASN A 25 -23.04 -8.48 9.37
C ASN A 25 -21.63 -8.65 8.79
N VAL A 26 -21.04 -7.56 8.32
CA VAL A 26 -19.70 -7.58 7.70
C VAL A 26 -18.66 -6.96 8.64
N LEU A 27 -18.92 -5.74 9.08
CA LEU A 27 -17.99 -5.01 9.95
C LEU A 27 -17.69 -5.78 11.24
N ILE A 28 -18.63 -6.62 11.66
CA ILE A 28 -18.45 -7.46 12.86
C ILE A 28 -17.28 -8.43 12.74
N HIS A 29 -16.82 -8.69 11.52
CA HIS A 29 -15.69 -9.58 11.26
C HIS A 29 -14.33 -8.88 11.29
N LEU A 30 -14.34 -7.57 11.54
CA LEU A 30 -13.10 -6.85 11.74
C LEU A 30 -12.68 -6.96 13.20
N LYS A 31 -11.39 -7.12 13.42
CA LYS A 31 -10.83 -7.06 14.77
C LYS A 31 -10.44 -5.61 15.03
N SER A 32 -10.86 -5.07 16.18
CA SER A 32 -10.45 -3.72 16.56
C SER A 32 -8.92 -3.64 16.60
N VAL A 33 -8.37 -2.46 16.30
CA VAL A 33 -6.92 -2.30 16.28
C VAL A 33 -6.32 -2.66 17.64
N GLU A 34 -7.01 -2.33 18.71
CA GLU A 34 -6.53 -2.62 20.07
C GLU A 34 -6.39 -4.12 20.31
N LYS A 35 -7.26 -4.91 19.67
CA LYS A 35 -7.31 -6.36 19.87
C LYS A 35 -6.61 -7.13 18.76
N SER A 36 -5.98 -6.42 17.84
CA SER A 36 -5.31 -7.05 16.70
C SER A 36 -3.88 -7.46 17.03
N TRP A 37 -3.46 -8.62 16.51
CA TRP A 37 -2.05 -9.01 16.57
C TRP A 37 -1.27 -8.04 15.69
N GLN A 38 0.01 -7.88 15.99
CA GLN A 38 0.87 -7.04 15.17
C GLN A 38 2.12 -7.82 14.82
N PRO A 39 2.78 -7.50 13.69
CA PRO A 39 4.00 -8.18 13.27
C PRO A 39 5.04 -8.35 14.39
N GLN A 40 5.25 -7.32 15.22
CA GLN A 40 6.20 -7.41 16.34
C GLN A 40 5.95 -8.60 17.29
N ASP A 41 4.70 -9.04 17.41
CA ASP A 41 4.35 -10.19 18.25
C ASP A 41 5.07 -11.47 17.82
N TYR A 42 5.54 -11.50 16.58
CA TYR A 42 6.11 -12.73 15.98
C TYR A 42 7.55 -12.58 15.53
N LEU A 43 8.17 -11.48 15.90
CA LEU A 43 9.53 -11.19 15.49
C LEU A 43 10.41 -11.01 16.72
N PRO A 44 11.75 -11.18 16.56
CA PRO A 44 12.69 -10.78 17.59
C PRO A 44 12.42 -9.35 18.07
N ASP A 45 12.44 -9.17 19.38
CA ASP A 45 12.14 -7.91 20.04
C ASP A 45 13.39 -7.02 20.07
N PRO A 46 13.40 -5.93 19.29
CA PRO A 46 14.61 -5.11 19.16
C PRO A 46 14.98 -4.31 20.41
N VAL A 47 14.09 -4.23 21.39
CA VAL A 47 14.47 -3.58 22.64
C VAL A 47 14.89 -4.58 23.73
N SER A 48 14.73 -5.87 23.46
CA SER A 48 15.11 -6.90 24.43
C SER A 48 16.62 -7.05 24.52
N ASP A 49 17.12 -7.34 25.72
CA ASP A 49 18.53 -7.69 25.89
C ASP A 49 18.90 -8.96 25.12
N GLY A 50 17.87 -9.73 24.74
CA GLY A 50 18.05 -10.97 23.99
C GLY A 50 17.82 -10.86 22.50
N PHE A 51 17.66 -9.64 21.99
CA PHE A 51 17.42 -9.40 20.56
C PHE A 51 18.43 -10.15 19.68
N GLU A 52 19.71 -9.98 20.00
CA GLU A 52 20.78 -10.59 19.21
C GLU A 52 20.66 -12.12 19.18
N GLU A 53 20.38 -12.71 20.33
CA GLU A 53 20.14 -14.17 20.44
C GLU A 53 18.89 -14.62 19.69
N GLN A 54 17.84 -13.80 19.75
CA GLN A 54 16.57 -14.14 19.08
C GLN A 54 16.72 -14.17 17.56
N VAL A 55 17.46 -13.21 17.01
CA VAL A 55 17.79 -13.18 15.59
C VAL A 55 18.64 -14.42 15.23
N ARG A 56 19.62 -14.70 16.08
CA ARG A 56 20.51 -15.86 15.92
C ARG A 56 19.70 -17.16 15.84
N GLU A 57 18.76 -17.34 16.76
CA GLU A 57 17.89 -18.52 16.78
C GLU A 57 16.98 -18.63 15.54
N LEU A 58 16.40 -17.50 15.12
CA LEU A 58 15.60 -17.46 13.89
C LEU A 58 16.44 -17.96 12.71
N ARG A 59 17.68 -17.50 12.62
CA ARG A 59 18.58 -17.87 11.53
C ARG A 59 19.01 -19.34 11.57
N GLU A 60 19.17 -19.90 12.76
CA GLU A 60 19.49 -21.32 12.92
C GLU A 60 18.33 -22.21 12.48
N ARG A 61 17.12 -21.86 12.89
CA ARG A 61 15.92 -22.54 12.43
C ARG A 61 15.79 -22.50 10.89
N ALA A 62 16.03 -21.32 10.30
CA ALA A 62 15.88 -21.10 8.85
C ALA A 62 16.82 -21.96 8.02
N LYS A 63 17.99 -22.28 8.58
CA LYS A 63 18.99 -23.14 7.95
C LYS A 63 18.49 -24.56 7.67
N GLU A 64 17.46 -24.97 8.40
CA GLU A 64 16.90 -26.32 8.26
C GLU A 64 15.67 -26.35 7.36
N ILE A 65 15.35 -25.22 6.75
CA ILE A 65 14.24 -25.11 5.82
C ILE A 65 14.81 -25.15 4.39
N PRO A 66 14.29 -26.05 3.54
CA PRO A 66 14.84 -26.17 2.19
C PRO A 66 14.49 -25.00 1.27
N ASP A 67 15.32 -24.84 0.23
CA ASP A 67 15.15 -23.77 -0.75
C ASP A 67 13.78 -23.73 -1.39
N ASP A 68 13.17 -24.88 -1.66
CA ASP A 68 11.89 -24.83 -2.38
C ASP A 68 10.76 -24.19 -1.58
N TYR A 69 10.78 -24.40 -0.26
CA TYR A 69 9.84 -23.77 0.66
C TYR A 69 10.06 -22.25 0.68
N PHE A 70 11.32 -21.83 0.64
CA PHE A 70 11.63 -20.41 0.58
C PHE A 70 11.15 -19.78 -0.72
N VAL A 71 11.23 -20.51 -1.83
CA VAL A 71 10.66 -19.99 -3.08
C VAL A 71 9.16 -19.70 -2.92
N VAL A 72 8.44 -20.66 -2.33
CA VAL A 72 6.99 -20.49 -2.09
C VAL A 72 6.71 -19.35 -1.12
N LEU A 73 7.46 -19.31 -0.02
CA LEU A 73 7.29 -18.26 0.98
C LEU A 73 7.56 -16.86 0.40
N VAL A 74 8.61 -16.73 -0.40
CA VAL A 74 8.93 -15.45 -1.03
C VAL A 74 7.83 -15.00 -2.01
N GLY A 75 7.39 -15.91 -2.88
CA GLY A 75 6.27 -15.62 -3.79
C GLY A 75 5.04 -15.13 -3.04
N ASP A 76 4.75 -15.78 -1.92
CA ASP A 76 3.61 -15.40 -1.09
CA ASP A 76 3.62 -15.40 -1.08
C ASP A 76 3.82 -14.00 -0.48
N MET A 77 5.01 -13.77 0.08
CA MET A 77 5.35 -12.44 0.63
C MET A 77 5.24 -11.32 -0.43
N ILE A 78 5.78 -11.56 -1.62
CA ILE A 78 5.68 -10.57 -2.73
C ILE A 78 4.22 -10.25 -3.08
N THR A 79 3.39 -11.28 -3.16
CA THR A 79 1.95 -11.14 -3.38
C THR A 79 1.33 -10.22 -2.31
N GLU A 80 1.64 -10.48 -1.03
CA GLU A 80 1.12 -9.68 0.08
C GLU A 80 1.56 -8.22 0.01
N GLU A 81 2.81 -8.00 -0.40
CA GLU A 81 3.41 -6.66 -0.48
C GLU A 81 2.77 -5.76 -1.53
N ALA A 82 2.14 -6.35 -2.54
CA ALA A 82 1.43 -5.58 -3.58
C ALA A 82 0.05 -5.06 -3.15
N LEU A 83 -0.19 -5.04 -1.84
CA LEU A 83 -1.47 -4.55 -1.26
C LEU A 83 -2.10 -3.30 -1.89
N PRO A 84 -1.30 -2.25 -2.19
CA PRO A 84 -1.93 -1.07 -2.80
C PRO A 84 -2.74 -1.42 -4.05
N THR A 85 -2.26 -2.38 -4.83
CA THR A 85 -2.97 -2.85 -6.02
C THR A 85 -4.36 -3.37 -5.68
N TYR A 86 -4.48 -4.07 -4.55
CA TYR A 86 -5.70 -4.78 -4.19
C TYR A 86 -6.75 -3.82 -3.63
N MET A 87 -6.30 -2.85 -2.85
CA MET A 87 -7.20 -1.81 -2.37
C MET A 87 -7.78 -1.02 -3.54
N SER A 88 -6.94 -0.73 -4.54
CA SER A 88 -7.40 -0.06 -5.76
C SER A 88 -8.47 -0.86 -6.49
N MET A 89 -8.30 -2.19 -6.54
CA MET A 89 -9.30 -3.06 -7.16
C MET A 89 -10.66 -2.93 -6.48
N LEU A 90 -10.68 -3.07 -5.16
CA LEU A 90 -11.94 -2.95 -4.42
C LEU A 90 -12.55 -1.57 -4.67
N ASN A 91 -11.70 -0.55 -4.69
CA ASN A 91 -12.15 0.81 -4.96
C ASN A 91 -12.49 1.14 -6.42
N ARG A 92 -12.39 0.15 -7.31
CA ARG A 92 -12.92 0.27 -8.67
C ARG A 92 -14.37 -0.18 -8.75
N CYS A 93 -14.84 -0.87 -7.72
CA CYS A 93 -16.17 -1.48 -7.72
C CYS A 93 -17.29 -0.49 -7.40
N ASP A 94 -18.16 -0.25 -8.40
CA ASP A 94 -19.31 0.62 -8.24
C ASP A 94 -20.15 0.19 -7.06
N GLY A 95 -20.69 1.16 -6.33
CA GLY A 95 -21.59 0.86 -5.21
C GLY A 95 -20.91 0.73 -3.86
N ILE A 96 -19.67 0.23 -3.84
CA ILE A 96 -18.94 0.02 -2.59
C ILE A 96 -17.66 0.87 -2.46
N LYS A 97 -17.17 1.38 -3.60
CA LYS A 97 -15.91 2.13 -3.62
C LYS A 97 -15.95 3.39 -2.74
N ASP A 98 -14.80 3.67 -2.12
CA ASP A 98 -14.63 4.84 -1.26
C ASP A 98 -14.43 6.06 -2.15
N GLU A 99 -15.35 7.02 -2.07
CA GLU A 99 -15.35 8.14 -3.02
C GLU A 99 -14.47 9.31 -2.61
N THR A 100 -13.99 9.31 -1.37
CA THR A 100 -13.23 10.44 -0.82
C THR A 100 -11.90 10.05 -0.20
N GLY A 101 -11.76 8.78 0.15
CA GLY A 101 -10.61 8.30 0.92
C GLY A 101 -10.93 8.18 2.40
N ALA A 102 -12.02 8.81 2.83
CA ALA A 102 -12.49 8.70 4.21
C ALA A 102 -14.00 8.48 4.34
N GLU A 103 -14.65 7.99 3.28
CA GLU A 103 -16.11 7.83 3.29
C GLU A 103 -16.57 7.01 4.51
N PRO A 104 -17.60 7.51 5.23
CA PRO A 104 -18.09 6.79 6.40
C PRO A 104 -19.11 5.67 6.10
N SER A 105 -19.21 5.24 4.85
CA SER A 105 -20.08 4.13 4.49
C SER A 105 -19.54 2.83 5.08
N ALA A 106 -20.43 1.88 5.38
CA ALA A 106 -20.02 0.57 5.85
C ALA A 106 -19.01 -0.05 4.87
N TRP A 107 -19.27 0.11 3.58
CA TRP A 107 -18.47 -0.54 2.55
C TRP A 107 -17.06 0.05 2.47
N ALA A 108 -16.95 1.37 2.57
CA ALA A 108 -15.63 2.02 2.55
C ALA A 108 -14.88 1.73 3.84
N MET A 109 -15.60 1.75 4.97
N MET A 109 -15.60 1.76 4.97
CA MET A 109 -14.98 1.40 6.24
CA MET A 109 -15.01 1.39 6.25
C MET A 109 -14.41 -0.01 6.21
C MET A 109 -14.40 0.00 6.19
N TRP A 110 -15.12 -0.94 5.57
CA TRP A 110 -14.64 -2.32 5.41
C TRP A 110 -13.38 -2.39 4.54
N THR A 111 -13.42 -1.78 3.37
CA THR A 111 -12.26 -1.77 2.48
C THR A 111 -11.00 -1.25 3.18
N ARG A 112 -11.13 -0.12 3.86
CA ARG A 112 -9.99 0.50 4.54
C ARG A 112 -9.48 -0.36 5.71
N ALA A 113 -10.40 -0.91 6.49
CA ALA A 113 -10.00 -1.71 7.66
C ALA A 113 -9.42 -3.07 7.24
N TRP A 114 -10.01 -3.67 6.21
CA TRP A 114 -9.44 -4.89 5.58
C TRP A 114 -8.01 -4.62 5.11
N THR A 115 -7.83 -3.52 4.37
CA THR A 115 -6.50 -3.11 3.89
C THR A 115 -5.53 -2.96 5.06
N ALA A 116 -5.99 -2.37 6.16
CA ALA A 116 -5.18 -2.13 7.34
C ALA A 116 -4.73 -3.46 7.97
N GLU A 117 -5.64 -4.45 7.99
CA GLU A 117 -5.29 -5.78 8.50
C GLU A 117 -4.31 -6.47 7.58
N GLU A 118 -4.53 -6.32 6.27
CA GLU A 118 -3.67 -6.95 5.26
C GLU A 118 -2.24 -6.46 5.29
N ASN A 119 -2.08 -5.18 5.63
CA ASN A 119 -0.78 -4.53 5.63
C ASN A 119 0.23 -5.23 6.55
N ARG A 120 -0.30 -5.80 7.64
CA ARG A 120 0.49 -6.58 8.60
C ARG A 120 1.13 -7.83 7.97
N HIS A 121 0.45 -8.42 6.97
CA HIS A 121 0.90 -9.68 6.38
C HIS A 121 2.25 -9.50 5.69
N GLY A 122 2.32 -8.51 4.80
CA GLY A 122 3.54 -8.21 4.05
C GLY A 122 4.66 -7.81 4.98
N ASP A 123 4.34 -6.93 5.94
CA ASP A 123 5.29 -6.47 6.97
C ASP A 123 5.97 -7.63 7.70
N LEU A 124 5.17 -8.51 8.27
CA LEU A 124 5.67 -9.67 9.01
C LEU A 124 6.54 -10.61 8.16
N LEU A 125 6.03 -11.03 7.01
CA LEU A 125 6.77 -11.91 6.11
C LEU A 125 8.06 -11.27 5.58
N ASN A 126 8.01 -9.97 5.27
CA ASN A 126 9.21 -9.23 4.83
C ASN A 126 10.34 -9.32 5.86
N LYS A 127 10.02 -9.00 7.12
CA LYS A 127 11.06 -8.98 8.15
C LYS A 127 11.53 -10.37 8.50
N TYR A 128 10.62 -11.35 8.50
CA TYR A 128 11.07 -12.73 8.69
C TYR A 128 12.11 -13.11 7.62
N LEU A 129 11.74 -12.88 6.36
CA LEU A 129 12.59 -13.21 5.23
C LEU A 129 13.91 -12.45 5.27
N TYR A 130 13.82 -11.16 5.59
CA TYR A 130 15.01 -10.33 5.78
C TYR A 130 15.96 -10.95 6.82
N LEU A 131 15.44 -11.25 8.01
CA LEU A 131 16.28 -11.80 9.09
C LEU A 131 16.83 -13.19 8.78
N SER A 132 16.08 -13.98 8.00
CA SER A 132 16.42 -15.38 7.75
C SER A 132 17.82 -15.59 7.16
N GLY A 133 18.26 -14.65 6.32
CA GLY A 133 19.53 -14.81 5.58
C GLY A 133 19.49 -15.89 4.50
N ARG A 134 18.30 -16.36 4.16
CA ARG A 134 18.16 -17.47 3.19
C ARG A 134 17.75 -16.98 1.80
N VAL A 135 17.43 -15.69 1.68
CA VAL A 135 16.94 -15.14 0.41
C VAL A 135 17.66 -13.84 0.02
N ASP A 136 17.60 -13.51 -1.28
CA ASP A 136 18.19 -12.29 -1.80
C ASP A 136 17.15 -11.17 -1.74
N MET A 137 17.21 -10.37 -0.68
CA MET A 137 16.22 -9.32 -0.47
C MET A 137 16.19 -8.27 -1.59
N ARG A 138 17.36 -7.93 -2.13
CA ARG A 138 17.40 -6.98 -3.24
C ARG A 138 16.63 -7.45 -4.48
N LYS A 139 16.76 -8.73 -4.84
CA LYS A 139 16.04 -9.29 -5.98
C LYS A 139 14.54 -9.39 -5.73
N ILE A 140 14.17 -9.68 -4.48
CA ILE A 140 12.78 -9.68 -4.04
C ILE A 140 12.21 -8.26 -4.13
N GLU A 141 13.00 -7.28 -3.66
CA GLU A 141 12.60 -5.88 -3.71
C GLU A 141 12.39 -5.40 -5.15
N LYS A 142 13.29 -5.81 -6.05
CA LYS A 142 13.11 -5.56 -7.49
C LYS A 142 11.82 -6.18 -8.05
N THR A 143 11.53 -7.43 -7.66
CA THR A 143 10.32 -8.12 -8.07
C THR A 143 9.06 -7.40 -7.59
N ILE A 144 9.07 -6.94 -6.35
CA ILE A 144 7.95 -6.18 -5.80
C ILE A 144 7.72 -4.89 -6.62
N GLN A 145 8.80 -4.18 -6.92
CA GLN A 145 8.68 -2.94 -7.70
C GLN A 145 8.11 -3.18 -9.10
N TYR A 146 8.60 -4.22 -9.77
CA TYR A 146 8.02 -4.62 -11.05
C TYR A 146 6.54 -4.94 -10.91
N LEU A 147 6.19 -5.72 -9.88
CA LEU A 147 4.80 -6.19 -9.68
C LEU A 147 3.81 -5.05 -9.46
N ILE A 148 4.13 -4.16 -8.54
CA ILE A 148 3.28 -3.00 -8.28
C ILE A 148 3.19 -2.13 -9.53
N GLY A 149 4.32 -1.97 -10.21
CA GLY A 149 4.37 -1.23 -11.48
C GLY A 149 3.50 -1.85 -12.57
N SER A 150 3.49 -3.18 -12.63
CA SER A 150 2.68 -3.93 -13.60
C SER A 150 1.18 -3.93 -13.28
N GLY A 151 0.87 -3.92 -12.00
CA GLY A 151 -0.51 -4.07 -11.53
C GLY A 151 -1.00 -5.51 -11.68
N MET A 152 -2.30 -5.67 -11.88
N MET A 152 -2.30 -5.67 -11.86
CA MET A 152 -2.91 -6.97 -12.13
CA MET A 152 -2.92 -6.97 -12.09
C MET A 152 -4.12 -6.81 -13.04
C MET A 152 -4.15 -6.82 -12.98
N ASP A 153 -4.54 -7.92 -13.64
CA ASP A 153 -5.63 -7.89 -14.60
C ASP A 153 -6.57 -9.06 -14.34
N ILE A 154 -7.32 -8.98 -13.26
CA ILE A 154 -8.23 -10.07 -12.83
C ILE A 154 -9.64 -10.00 -13.43
N LYS A 155 -9.90 -8.95 -14.22
CA LYS A 155 -11.14 -8.80 -14.98
C LYS A 155 -12.43 -8.68 -14.14
N SER A 156 -12.33 -8.06 -12.97
CA SER A 156 -13.51 -7.79 -12.15
C SER A 156 -14.25 -6.52 -12.60
N GLU A 157 -13.69 -5.84 -13.60
CA GLU A 157 -14.28 -4.64 -14.19
C GLU A 157 -14.65 -3.59 -13.11
N ASN A 158 -15.88 -3.10 -13.12
N ASN A 158 -15.90 -3.13 -13.12
CA ASN A 158 -16.34 -2.19 -12.08
CA ASN A 158 -16.39 -2.18 -12.13
C ASN A 158 -17.47 -2.81 -11.25
C ASN A 158 -17.43 -2.81 -11.20
N SER A 159 -17.48 -4.14 -11.20
CA SER A 159 -18.55 -4.88 -10.55
C SER A 159 -18.21 -5.33 -9.14
N PRO A 160 -19.04 -4.93 -8.15
CA PRO A 160 -18.87 -5.43 -6.81
C PRO A 160 -19.24 -6.92 -6.71
N TYR A 161 -20.12 -7.39 -7.61
CA TYR A 161 -20.43 -8.83 -7.67
C TYR A 161 -19.16 -9.60 -8.01
N LEU A 162 -18.54 -9.25 -9.14
CA LEU A 162 -17.28 -9.86 -9.56
C LEU A 162 -16.20 -9.69 -8.50
N GLY A 163 -16.06 -8.48 -7.99
CA GLY A 163 -15.03 -8.18 -7.00
C GLY A 163 -15.16 -9.03 -5.74
N PHE A 164 -16.37 -9.10 -5.20
CA PHE A 164 -16.61 -9.86 -3.97
C PHE A 164 -16.58 -11.38 -4.16
N ILE A 165 -17.07 -11.86 -5.29
CA ILE A 165 -16.95 -13.29 -5.64
C ILE A 165 -15.47 -13.67 -5.80
N TYR A 166 -14.73 -12.87 -6.57
CA TYR A 166 -13.28 -13.09 -6.72
C TYR A 166 -12.55 -13.12 -5.38
N THR A 167 -12.85 -12.14 -4.52
CA THR A 167 -12.21 -12.03 -3.21
C THR A 167 -12.58 -13.19 -2.26
N SER A 168 -13.84 -13.61 -2.29
CA SER A 168 -14.27 -14.79 -1.53
C SER A 168 -13.43 -16.01 -1.91
N PHE A 169 -13.24 -16.20 -3.21
CA PHE A 169 -12.46 -17.31 -3.74
C PHE A 169 -11.00 -17.19 -3.32
N GLN A 170 -10.41 -16.02 -3.59
CA GLN A 170 -8.98 -15.84 -3.46
C GLN A 170 -8.51 -15.77 -2.00
N GLU A 171 -9.32 -15.22 -1.11
CA GLU A 171 -9.00 -15.26 0.33
C GLU A 171 -9.01 -16.69 0.86
N ARG A 172 -9.90 -17.52 0.34
CA ARG A 172 -9.91 -18.93 0.73
C ARG A 172 -8.65 -19.63 0.22
N ALA A 173 -8.24 -19.31 -1.00
CA ALA A 173 -7.01 -19.82 -1.59
C ALA A 173 -5.78 -19.48 -0.75
N THR A 174 -5.69 -18.23 -0.31
CA THR A 174 -4.53 -17.82 0.48
CA THR A 174 -4.58 -17.75 0.53
C THR A 174 -4.59 -18.41 1.90
N PHE A 175 -5.80 -18.59 2.45
CA PHE A 175 -6.01 -19.29 3.73
C PHE A 175 -5.44 -20.71 3.64
N ILE A 176 -5.80 -21.41 2.56
CA ILE A 176 -5.34 -22.80 2.36
C ILE A 176 -3.82 -22.83 2.22
N SER A 177 -3.28 -21.89 1.45
CA SER A 177 -1.85 -21.79 1.17
CA SER A 177 -1.86 -21.80 1.17
C SER A 177 -1.05 -21.57 2.44
N HIS A 178 -1.49 -20.61 3.27
CA HIS A 178 -0.79 -20.29 4.51
C HIS A 178 -0.88 -21.37 5.56
N ALA A 179 -2.04 -22.02 5.66
CA ALA A 179 -2.22 -23.16 6.55
C ALA A 179 -1.27 -24.29 6.15
N ASN A 180 -1.14 -24.50 4.85
CA ASN A 180 -0.22 -25.52 4.34
C ASN A 180 1.24 -25.16 4.60
N THR A 181 1.57 -23.87 4.42
CA THR A 181 2.92 -23.37 4.66
C THR A 181 3.29 -23.48 6.16
N ALA A 182 2.32 -23.20 7.04
CA ALA A 182 2.50 -23.38 8.49
C ALA A 182 2.84 -24.83 8.85
N LYS A 183 2.10 -25.76 8.27
CA LYS A 183 2.28 -27.20 8.48
C LYS A 183 3.71 -27.60 8.14
N LEU A 184 4.19 -27.12 7.01
CA LEU A 184 5.55 -27.38 6.54
C LEU A 184 6.60 -26.75 7.44
N ALA A 185 6.37 -25.50 7.84
CA ALA A 185 7.27 -24.82 8.77
C ALA A 185 7.43 -25.63 10.05
N GLN A 186 6.32 -26.10 10.61
CA GLN A 186 6.35 -26.97 11.79
C GLN A 186 7.10 -28.27 11.52
N HIS A 187 6.85 -28.86 10.35
CA HIS A 187 7.56 -30.07 9.93
C HIS A 187 9.08 -29.90 10.00
N TYR A 188 9.58 -28.77 9.49
CA TYR A 188 11.02 -28.50 9.47
C TYR A 188 11.57 -27.96 10.80
N GLY A 189 10.73 -27.91 11.83
CA GLY A 189 11.16 -27.55 13.18
C GLY A 189 11.13 -26.06 13.52
N ASP A 190 10.36 -25.30 12.76
CA ASP A 190 10.30 -23.85 12.94
C ASP A 190 8.92 -23.40 13.42
N LYS A 191 8.70 -23.48 14.74
CA LYS A 191 7.39 -23.20 15.33
C LYS A 191 7.01 -21.73 15.19
N LYS A 192 8.03 -20.87 15.25
CA LYS A 192 7.80 -19.44 15.14
C LYS A 192 7.35 -19.04 13.74
N LEU A 193 7.91 -19.67 12.70
CA LEU A 193 7.41 -19.46 11.34
C LEU A 193 6.02 -20.07 11.16
N ALA A 194 5.79 -21.24 11.74
CA ALA A 194 4.44 -21.82 11.75
C ALA A 194 3.41 -20.84 12.35
N HIS A 195 3.75 -20.22 13.48
CA HIS A 195 2.87 -19.21 14.11
C HIS A 195 2.62 -17.99 13.22
N ILE A 196 3.64 -17.54 12.50
CA ILE A 196 3.49 -16.44 11.52
C ILE A 196 2.43 -16.79 10.48
N CYS A 197 2.60 -17.95 9.85
CA CYS A 197 1.71 -18.40 8.80
C CYS A 197 0.31 -18.68 9.33
N GLY A 198 0.22 -19.29 10.52
CA GLY A 198 -1.04 -19.53 11.21
C GLY A 198 -1.83 -18.25 11.53
N SER A 199 -1.13 -17.22 11.98
CA SER A 199 -1.75 -15.92 12.30
C SER A 199 -2.31 -15.24 11.05
N ILE A 200 -1.52 -15.16 9.99
CA ILE A 200 -1.98 -14.66 8.69
C ILE A 200 -3.17 -15.49 8.16
N ALA A 201 -3.05 -16.82 8.25
CA ALA A 201 -4.13 -17.73 7.84
C ALA A 201 -5.44 -17.45 8.57
N SER A 202 -5.37 -17.15 9.87
CA SER A 202 -6.57 -16.86 10.64
C SER A 202 -7.27 -15.57 10.19
N ASP A 203 -6.48 -14.57 9.78
CA ASP A 203 -7.03 -13.37 9.15
C ASP A 203 -7.80 -13.72 7.87
N GLU A 204 -7.20 -14.58 7.06
CA GLU A 204 -7.80 -14.97 5.78
C GLU A 204 -9.07 -15.78 5.93
N LYS A 205 -9.12 -16.64 6.94
CA LYS A 205 -10.33 -17.41 7.21
C LYS A 205 -11.47 -16.44 7.54
N ARG A 206 -11.17 -15.46 8.38
CA ARG A 206 -12.13 -14.44 8.78
C ARG A 206 -12.54 -13.55 7.59
N HIS A 207 -11.56 -13.07 6.82
CA HIS A 207 -11.85 -12.25 5.64
C HIS A 207 -12.69 -13.01 4.62
N ALA A 208 -12.32 -14.26 4.34
CA ALA A 208 -13.03 -15.10 3.38
C ALA A 208 -14.48 -15.31 3.82
N THR A 209 -14.67 -15.51 5.12
CA THR A 209 -16.01 -15.68 5.71
C THR A 209 -16.86 -14.42 5.48
N ALA A 210 -16.26 -13.25 5.73
CA ALA A 210 -16.93 -11.96 5.52
C ALA A 210 -17.33 -11.72 4.07
N TYR A 211 -16.39 -11.88 3.13
CA TYR A 211 -16.68 -11.69 1.71
C TYR A 211 -17.75 -12.69 1.22
N THR A 212 -17.65 -13.94 1.68
CA THR A 212 -18.58 -15.01 1.32
C THR A 212 -19.99 -14.69 1.83
N LYS A 213 -20.07 -14.11 3.02
CA LYS A 213 -21.33 -13.64 3.61
C LYS A 213 -22.00 -12.56 2.75
N ILE A 214 -21.21 -11.61 2.27
CA ILE A 214 -21.72 -10.55 1.38
C ILE A 214 -22.37 -11.14 0.12
N VAL A 215 -21.64 -12.04 -0.55
CA VAL A 215 -22.15 -12.69 -1.75
C VAL A 215 -23.39 -13.54 -1.44
N GLU A 216 -23.39 -14.22 -0.29
CA GLU A 216 -24.59 -14.95 0.17
C GLU A 216 -25.84 -14.05 0.19
N LYS A 217 -25.69 -12.86 0.77
CA LYS A 217 -26.78 -11.88 0.85
C LYS A 217 -27.20 -11.42 -0.54
N LEU A 218 -26.23 -11.13 -1.41
CA LEU A 218 -26.53 -10.74 -2.78
C LEU A 218 -27.29 -11.82 -3.53
N ALA A 219 -26.92 -13.07 -3.31
CA ALA A 219 -27.60 -14.22 -3.91
C ALA A 219 -29.06 -14.33 -3.43
N GLU A 220 -29.28 -13.95 -2.17
CA GLU A 220 -30.64 -13.92 -1.60
C GLU A 220 -31.51 -12.86 -2.27
N ILE A 221 -30.99 -11.65 -2.40
CA ILE A 221 -31.73 -10.50 -2.96
C ILE A 221 -31.85 -10.58 -4.49
N ASP A 222 -30.80 -11.03 -5.17
CA ASP A 222 -30.81 -11.14 -6.63
C ASP A 222 -30.05 -12.36 -7.10
N PRO A 223 -30.71 -13.54 -7.05
CA PRO A 223 -30.04 -14.80 -7.38
C PRO A 223 -29.52 -14.84 -8.80
N ASP A 224 -30.30 -14.34 -9.77
CA ASP A 224 -29.89 -14.33 -11.17
C ASP A 224 -28.61 -13.56 -11.42
N THR A 225 -28.57 -12.29 -11.01
CA THR A 225 -27.37 -11.47 -11.20
C THR A 225 -26.15 -12.11 -10.53
N THR A 226 -26.35 -12.66 -9.34
CA THR A 226 -25.25 -13.23 -8.56
C THR A 226 -24.68 -14.50 -9.20
N VAL A 227 -25.54 -15.45 -9.58
CA VAL A 227 -25.10 -16.70 -10.20
C VAL A 227 -24.45 -16.44 -11.56
N ILE A 228 -25.03 -15.53 -12.34
CA ILE A 228 -24.48 -15.11 -13.62
C ILE A 228 -23.08 -14.52 -13.47
N ALA A 229 -22.89 -13.67 -12.44
CA ALA A 229 -21.58 -13.10 -12.14
C ALA A 229 -20.56 -14.15 -11.69
N PHE A 230 -21.03 -15.12 -10.89
CA PHE A 230 -20.21 -16.25 -10.45
C PHE A 230 -19.69 -17.04 -11.67
N ALA A 231 -20.60 -17.41 -12.57
CA ALA A 231 -20.22 -18.08 -13.83
C ALA A 231 -19.25 -17.24 -14.66
N ASP A 232 -19.55 -15.94 -14.81
CA ASP A 232 -18.63 -15.07 -15.54
C ASP A 232 -17.21 -15.08 -14.96
N MET A 233 -17.11 -14.98 -13.64
CA MET A 233 -15.80 -14.98 -12.96
C MET A 233 -15.05 -16.29 -13.17
N MET A 234 -15.77 -17.40 -13.08
CA MET A 234 -15.17 -18.72 -13.24
C MET A 234 -14.71 -18.97 -14.68
N ARG A 235 -15.49 -18.48 -15.66
CA ARG A 235 -15.08 -18.55 -17.07
C ARG A 235 -13.78 -17.80 -17.33
N LYS A 236 -13.69 -16.61 -16.76
CA LYS A 236 -12.47 -15.78 -16.81
C LYS A 236 -11.33 -16.49 -16.08
N LYS A 237 -11.70 -17.32 -15.11
CA LYS A 237 -10.79 -18.02 -14.21
C LYS A 237 -10.38 -17.10 -13.07
N ILE A 238 -10.12 -17.69 -11.92
CA ILE A 238 -9.63 -16.91 -10.78
C ILE A 238 -8.12 -16.76 -10.99
N THR A 239 -7.75 -15.64 -11.60
CA THR A 239 -6.36 -15.30 -11.89
C THR A 239 -5.70 -14.87 -10.58
N MET A 240 -4.53 -15.41 -10.31
CA MET A 240 -3.80 -15.08 -9.10
C MET A 240 -3.38 -13.61 -9.14
N PRO A 241 -3.46 -12.92 -7.98
CA PRO A 241 -3.22 -11.48 -7.90
C PRO A 241 -1.83 -11.07 -8.41
N ALA A 242 -0.83 -11.90 -8.18
CA ALA A 242 0.53 -11.57 -8.62
C ALA A 242 0.90 -12.26 -9.95
N HIS A 243 -0.10 -12.52 -10.80
CA HIS A 243 0.11 -13.19 -12.08
C HIS A 243 1.17 -12.54 -13.00
N LEU A 244 1.39 -11.23 -12.85
CA LEU A 244 2.35 -10.50 -13.67
C LEU A 244 3.76 -10.40 -13.07
N MET A 245 4.02 -11.14 -12.01
CA MET A 245 5.32 -11.04 -11.33
C MET A 245 6.51 -11.30 -12.26
N TYR A 246 7.59 -10.55 -12.00
CA TYR A 246 8.77 -10.53 -12.85
C TYR A 246 9.92 -9.96 -12.03
N ASP A 247 11.11 -10.55 -12.18
CA ASP A 247 12.25 -10.18 -11.35
C ASP A 247 13.40 -9.53 -12.14
N GLY A 248 13.17 -9.26 -13.42
CA GLY A 248 14.22 -8.75 -14.28
C GLY A 248 15.05 -9.83 -14.98
N SER A 249 14.74 -11.11 -14.73
CA SER A 249 15.45 -12.19 -15.44
C SER A 249 14.59 -13.36 -15.94
N ASP A 250 13.58 -13.75 -15.16
CA ASP A 250 12.69 -14.84 -15.55
C ASP A 250 11.34 -14.33 -16.02
N GLU A 251 11.12 -14.33 -17.33
CA GLU A 251 9.84 -13.89 -17.91
C GLU A 251 8.69 -14.84 -17.58
N LEU A 252 9.03 -16.05 -17.14
CA LEU A 252 8.02 -17.05 -16.72
C LEU A 252 8.04 -17.31 -15.22
N LEU A 253 8.39 -16.27 -14.46
CA LEU A 253 8.55 -16.35 -13.00
C LEU A 253 7.30 -16.84 -12.27
N PHE A 254 6.13 -16.29 -12.62
CA PHE A 254 4.90 -16.71 -11.98
C PHE A 254 4.57 -18.17 -12.23
N LYS A 255 4.66 -18.60 -13.48
CA LYS A 255 4.43 -20.01 -13.84
C LYS A 255 5.36 -20.94 -13.04
N HIS A 256 6.62 -20.53 -12.91
CA HIS A 256 7.62 -21.32 -12.22
C HIS A 256 7.39 -21.35 -10.71
N PHE A 257 7.13 -20.19 -10.11
CA PHE A 257 6.77 -20.11 -8.69
C PHE A 257 5.55 -20.99 -8.37
N THR A 258 4.53 -20.88 -9.22
CA THR A 258 3.28 -21.64 -9.08
C THR A 258 3.51 -23.14 -9.16
N ALA A 259 4.38 -23.57 -10.07
CA ALA A 259 4.76 -24.97 -10.21
C ALA A 259 5.41 -25.50 -8.93
N VAL A 260 6.29 -24.69 -8.34
CA VAL A 260 6.96 -25.06 -7.09
C VAL A 260 5.93 -25.18 -5.97
N ALA A 261 5.05 -24.19 -5.87
CA ALA A 261 3.99 -24.17 -4.84
C ALA A 261 3.11 -25.41 -4.93
N GLN A 262 2.79 -25.83 -6.16
CA GLN A 262 2.01 -27.06 -6.38
C GLN A 262 2.76 -28.31 -5.92
N ARG A 263 3.99 -28.50 -6.40
CA ARG A 263 4.79 -29.70 -6.06
C ARG A 263 4.99 -29.84 -4.54
N LEU A 264 5.19 -28.71 -3.87
CA LEU A 264 5.43 -28.72 -2.44
C LEU A 264 4.17 -28.97 -1.62
N GLY A 265 3.01 -28.87 -2.27
CA GLY A 265 1.73 -29.15 -1.62
C GLY A 265 1.17 -27.97 -0.85
N VAL A 266 1.59 -26.77 -1.24
CA VAL A 266 1.08 -25.56 -0.61
C VAL A 266 -0.26 -25.15 -1.22
N TYR A 267 -0.34 -25.18 -2.55
CA TYR A 267 -1.58 -24.86 -3.27
C TYR A 267 -1.60 -25.54 -4.64
N SER A 268 -2.69 -26.22 -4.94
CA SER A 268 -2.81 -26.96 -6.20
C SER A 268 -4.15 -26.71 -6.90
N ALA A 269 -4.24 -27.20 -8.14
CA ALA A 269 -5.47 -27.17 -8.92
C ALA A 269 -6.63 -27.86 -8.19
N LEU A 270 -6.31 -28.87 -7.39
CA LEU A 270 -7.32 -29.57 -6.61
C LEU A 270 -7.88 -28.72 -5.45
N ASP A 271 -7.04 -27.85 -4.87
CA ASP A 271 -7.52 -26.88 -3.88
C ASP A 271 -8.46 -25.88 -4.53
N TYR A 272 -8.08 -25.41 -5.73
CA TYR A 272 -8.93 -24.54 -6.55
C TYR A 272 -10.33 -25.15 -6.74
N CYS A 273 -10.37 -26.43 -7.09
CA CYS A 273 -11.64 -27.16 -7.23
C CYS A 273 -12.42 -27.23 -5.92
N ASP A 274 -11.69 -27.48 -4.83
CA ASP A 274 -12.31 -27.53 -3.50
C ASP A 274 -12.98 -26.21 -3.13
N ILE A 275 -12.31 -25.10 -3.44
CA ILE A 275 -12.84 -23.76 -3.13
C ILE A 275 -14.10 -23.49 -3.96
N LEU A 276 -14.01 -23.79 -5.26
CA LEU A 276 -15.17 -23.68 -6.15
C LEU A 276 -16.40 -24.41 -5.58
N GLU A 277 -16.20 -25.68 -5.23
CA GLU A 277 -17.31 -26.50 -4.72
C GLU A 277 -17.81 -26.03 -3.34
N PHE A 278 -16.89 -25.50 -2.54
CA PHE A 278 -17.26 -24.88 -1.26
C PHE A 278 -18.22 -23.70 -1.45
N LEU A 279 -17.89 -22.81 -2.39
CA LEU A 279 -18.69 -21.61 -2.64
C LEU A 279 -20.04 -21.94 -3.28
N VAL A 280 -20.04 -22.88 -4.22
CA VAL A 280 -21.28 -23.40 -4.78
C VAL A 280 -22.23 -23.83 -3.66
N ASP A 281 -21.71 -24.60 -2.71
CA ASP A 281 -22.48 -25.03 -1.55
C ASP A 281 -22.92 -23.87 -0.64
N LYS A 282 -21.98 -23.00 -0.30
CA LYS A 282 -22.24 -21.90 0.63
C LYS A 282 -23.27 -20.90 0.06
N TRP A 283 -23.25 -20.69 -1.24
CA TRP A 283 -24.21 -19.76 -1.87
C TRP A 283 -25.46 -20.48 -2.41
N ASN A 284 -25.60 -21.75 -2.02
CA ASN A 284 -26.74 -22.63 -2.38
C ASN A 284 -27.02 -22.74 -3.87
N VAL A 285 -25.97 -22.59 -4.68
CA VAL A 285 -26.12 -22.42 -6.11
C VAL A 285 -26.83 -23.59 -6.77
N GLU A 286 -26.49 -24.81 -6.36
CA GLU A 286 -27.10 -26.01 -6.93
C GLU A 286 -28.59 -26.15 -6.59
N ARG A 287 -28.97 -25.61 -5.43
CA ARG A 287 -30.32 -25.76 -4.90
C ARG A 287 -31.27 -24.65 -5.34
N LEU A 288 -30.72 -23.63 -6.01
CA LEU A 288 -31.51 -22.51 -6.53
C LEU A 288 -32.56 -22.96 -7.55
N THR A 289 -33.67 -22.24 -7.57
CA THR A 289 -34.76 -22.52 -8.50
C THR A 289 -35.46 -21.22 -8.90
N GLY A 290 -36.21 -21.26 -9.99
CA GLY A 290 -36.91 -20.09 -10.50
C GLY A 290 -35.98 -19.04 -11.08
N LEU A 291 -34.83 -19.49 -11.57
CA LEU A 291 -33.87 -18.59 -12.21
C LEU A 291 -34.32 -18.26 -13.63
N SER A 292 -33.69 -17.24 -14.21
CA SER A 292 -33.91 -16.91 -15.62
C SER A 292 -33.21 -17.95 -16.50
N ASP A 293 -33.52 -17.94 -17.79
CA ASP A 293 -32.84 -18.82 -18.74
C ASP A 293 -31.32 -18.64 -18.64
N GLU A 294 -30.86 -17.39 -18.61
CA GLU A 294 -29.43 -17.08 -18.44
C GLU A 294 -28.93 -17.54 -17.06
N GLY A 295 -29.74 -17.31 -16.03
CA GLY A 295 -29.43 -17.75 -14.66
C GLY A 295 -29.25 -19.25 -14.53
N ARG A 296 -30.15 -20.03 -15.13
CA ARG A 296 -30.02 -21.50 -15.11
C ARG A 296 -28.79 -22.00 -15.89
N LYS A 297 -28.46 -21.31 -16.98
CA LYS A 297 -27.26 -21.63 -17.75
C LYS A 297 -26.03 -21.44 -16.88
N ALA A 298 -25.98 -20.32 -16.17
CA ALA A 298 -24.89 -19.99 -15.25
C ALA A 298 -24.82 -21.00 -14.11
N GLN A 299 -25.99 -21.35 -13.57
CA GLN A 299 -26.11 -22.35 -12.49
C GLN A 299 -25.52 -23.68 -12.93
N GLU A 300 -25.99 -24.18 -14.07
CA GLU A 300 -25.51 -25.43 -14.64
CA GLU A 300 -25.52 -25.42 -14.65
C GLU A 300 -24.01 -25.38 -14.89
N TYR A 301 -23.54 -24.27 -15.47
CA TYR A 301 -22.10 -24.09 -15.70
C TYR A 301 -21.25 -24.25 -14.43
N VAL A 302 -21.55 -23.46 -13.40
CA VAL A 302 -20.71 -23.51 -12.20
C VAL A 302 -20.78 -24.84 -11.44
N CYS A 303 -21.85 -25.60 -11.63
CA CYS A 303 -22.18 -26.75 -10.74
C CYS A 303 -21.43 -28.11 -10.58
N GLU A 304 -20.67 -28.75 -11.49
CA GLU A 304 -20.56 -28.80 -12.98
C GLU A 304 -19.17 -28.49 -13.54
N LEU A 305 -18.67 -27.28 -13.27
CA LEU A 305 -17.29 -26.90 -13.60
C LEU A 305 -16.27 -27.67 -12.75
N GLY A 306 -16.52 -27.76 -11.43
CA GLY A 306 -15.63 -28.45 -10.50
C GLY A 306 -15.18 -29.84 -10.94
N PRO A 307 -16.13 -30.78 -11.11
CA PRO A 307 -15.83 -32.11 -11.67
C PRO A 307 -15.05 -32.10 -12.99
N LYS A 308 -15.37 -31.15 -13.86
CA LYS A 308 -14.65 -31.00 -15.14
C LYS A 308 -13.17 -30.65 -14.93
N ILE A 309 -12.90 -29.66 -14.06
CA ILE A 309 -11.53 -29.24 -13.75
C ILE A 309 -10.77 -30.37 -13.06
N ARG A 310 -11.44 -31.05 -12.14
CA ARG A 310 -10.84 -32.14 -11.37
C ARG A 310 -10.38 -33.28 -12.30
N ARG A 311 -11.22 -33.61 -13.28
CA ARG A 311 -10.88 -34.64 -14.28
C ARG A 311 -9.73 -34.20 -15.18
N LEU A 312 -9.75 -32.94 -15.60
CA LEU A 312 -8.66 -32.36 -16.40
C LEU A 312 -7.32 -32.39 -15.65
N GLU A 313 -7.37 -32.09 -14.36
CA GLU A 313 -6.20 -32.15 -13.49
C GLU A 313 -5.70 -33.59 -13.35
N GLU A 314 -6.62 -34.53 -13.18
CA GLU A 314 -6.29 -35.96 -13.11
C GLU A 314 -5.59 -36.44 -14.38
N ARG A 315 -6.10 -36.01 -15.54
CA ARG A 315 -5.48 -36.34 -16.82
C ARG A 315 -4.14 -35.64 -17.01
N ALA A 316 -4.04 -34.39 -16.54
CA ALA A 316 -2.79 -33.63 -16.60
C ALA A 316 -1.69 -34.32 -15.79
N GLN A 317 -2.03 -34.81 -14.59
CA GLN A 317 -1.10 -35.54 -13.73
C GLN A 317 -0.68 -36.86 -14.35
N GLY A 318 -1.61 -37.50 -15.07
CA GLY A 318 -1.36 -38.76 -15.75
C GLY A 318 -0.32 -38.67 -16.86
N ARG A 319 -0.31 -37.55 -17.58
CA ARG A 319 0.60 -37.36 -18.71
C ARG A 319 1.85 -36.54 -18.34
N ALA A 320 1.91 -36.10 -17.09
CA ALA A 320 3.01 -35.27 -16.58
C ALA A 320 4.36 -35.95 -16.71
N LYS A 321 5.30 -35.23 -17.31
CA LYS A 321 6.68 -35.72 -17.43
C LYS A 321 7.51 -35.17 -16.28
N GLU A 322 8.75 -35.66 -16.15
CA GLU A 322 9.64 -35.29 -15.06
C GLU A 322 10.18 -33.86 -15.18
N ALA A 323 9.83 -33.02 -14.20
CA ALA A 323 10.46 -31.71 -14.03
C ALA A 323 11.88 -31.98 -13.52
N PRO A 324 12.94 -31.29 -13.97
CA PRO A 324 13.01 -29.96 -14.58
C PRO A 324 13.30 -29.01 -13.42
N THR A 325 14.60 -28.78 -13.20
CA THR A 325 15.07 -27.94 -12.10
C THR A 325 15.27 -26.51 -12.63
N MET A 326 15.06 -25.51 -11.79
CA MET A 326 15.04 -24.12 -12.25
C MET A 326 15.69 -23.13 -11.28
N PRO A 327 16.57 -22.24 -11.79
CA PRO A 327 17.12 -21.18 -10.93
C PRO A 327 16.10 -20.10 -10.59
N PHE A 328 16.17 -19.61 -9.36
CA PHE A 328 15.33 -18.51 -8.90
C PHE A 328 16.23 -17.43 -8.32
N SER A 329 16.12 -16.21 -8.84
CA SER A 329 16.88 -15.06 -8.34
C SER A 329 16.66 -14.83 -6.84
N TRP A 330 15.45 -15.12 -6.36
CA TRP A 330 15.09 -14.93 -4.95
C TRP A 330 15.98 -15.70 -3.99
N ILE A 331 16.52 -16.81 -4.46
CA ILE A 331 17.45 -17.64 -3.68
C ILE A 331 18.83 -17.72 -4.37
N PHE A 332 19.34 -16.57 -4.82
CA PHE A 332 20.68 -16.43 -5.37
C PHE A 332 20.95 -17.31 -6.59
N ASP A 333 19.92 -17.47 -7.41
CA ASP A 333 19.99 -18.31 -8.62
C ASP A 333 20.22 -19.80 -8.33
N ARG A 334 20.08 -20.21 -7.07
CA ARG A 334 20.09 -21.62 -6.72
C ARG A 334 18.85 -22.26 -7.36
N GLN A 335 18.93 -23.56 -7.64
CA GLN A 335 17.89 -24.22 -8.41
C GLN A 335 16.96 -25.08 -7.55
N VAL A 336 15.69 -25.09 -7.92
CA VAL A 336 14.70 -25.98 -7.31
C VAL A 336 13.85 -26.67 -8.37
N LYS A 337 13.33 -27.84 -8.03
CA LYS A 337 12.51 -28.66 -8.93
C LYS A 337 11.15 -28.01 -9.21
N LEU A 338 10.77 -27.99 -10.48
CA LEU A 338 9.47 -27.48 -10.91
C LEU A 338 8.35 -28.52 -10.74
N MET B 1 -18.64 18.37 5.07
CA MET B 1 -19.34 17.48 4.09
C MET B 1 -18.40 17.12 2.94
N GLN B 2 -18.77 16.12 2.16
CA GLN B 2 -17.93 15.68 1.06
C GLN B 2 -18.41 16.26 -0.27
N VAL B 3 -17.45 16.54 -1.13
CA VAL B 3 -17.73 17.00 -2.48
C VAL B 3 -16.98 16.06 -3.43
N THR B 4 -17.70 15.49 -4.37
CA THR B 4 -17.09 14.57 -5.33
C THR B 4 -17.21 15.08 -6.76
N HIS B 5 -16.23 14.73 -7.58
CA HIS B 5 -16.28 14.96 -9.02
C HIS B 5 -16.58 16.42 -9.42
N SER B 6 -15.81 17.34 -8.85
CA SER B 6 -15.98 18.76 -9.12
C SER B 6 -15.46 19.21 -10.49
N MET B 7 -14.61 18.40 -11.12
CA MET B 7 -14.15 18.67 -12.48
C MET B 7 -15.28 18.42 -13.48
N PRO B 8 -15.62 19.43 -14.31
CA PRO B 8 -16.57 19.23 -15.40
C PRO B 8 -16.12 18.07 -16.30
N PRO B 9 -17.06 17.16 -16.63
CA PRO B 9 -16.74 15.94 -17.39
C PRO B 9 -16.18 16.19 -18.80
N GLN B 10 -16.43 17.39 -19.35
CA GLN B 10 -15.82 17.79 -20.62
C GLN B 10 -14.30 17.69 -20.56
N LYS B 11 -13.74 18.03 -19.40
CA LYS B 11 -12.29 18.09 -19.21
C LYS B 11 -11.59 16.73 -19.17
N LEU B 12 -12.38 15.65 -19.14
CA LEU B 12 -11.87 14.30 -19.37
C LEU B 12 -11.09 14.21 -20.69
N GLU B 13 -11.54 14.99 -21.67
CA GLU B 13 -10.92 15.03 -22.99
C GLU B 13 -9.50 15.59 -22.97
N ILE B 14 -9.27 16.56 -22.09
CA ILE B 14 -7.96 17.18 -21.91
C ILE B 14 -6.91 16.14 -21.51
N PHE B 15 -7.23 15.33 -20.52
CA PHE B 15 -6.27 14.34 -20.01
C PHE B 15 -6.05 13.18 -20.99
N LYS B 16 -7.11 12.81 -21.69
CA LYS B 16 -7.02 11.84 -22.79
C LYS B 16 -6.07 12.36 -23.88
N SER B 17 -6.22 13.63 -24.26
CA SER B 17 -5.39 14.24 -25.30
C SER B 17 -3.94 14.44 -24.86
N LEU B 18 -3.70 14.41 -23.55
CA LEU B 18 -2.36 14.63 -22.99
C LEU B 18 -1.57 13.34 -22.73
N ASP B 19 -2.14 12.21 -23.15
CA ASP B 19 -1.52 10.91 -22.88
C ASP B 19 -0.11 10.82 -23.46
N ASP B 20 0.03 11.13 -24.75
CA ASP B 20 1.34 11.18 -25.41
C ASP B 20 2.28 12.17 -24.73
N TRP B 21 1.79 13.38 -24.46
CA TRP B 21 2.55 14.41 -23.76
C TRP B 21 3.10 13.89 -22.42
N ALA B 22 2.26 13.15 -21.70
CA ALA B 22 2.62 12.58 -20.40
C ALA B 22 3.72 11.52 -20.52
N ARG B 23 3.67 10.70 -21.56
CA ARG B 23 4.73 9.72 -21.82
C ARG B 23 6.07 10.43 -22.01
N ASN B 24 6.05 11.53 -22.78
CA ASN B 24 7.26 12.28 -23.12
C ASN B 24 7.72 13.28 -22.07
N ASN B 25 6.83 13.69 -21.16
CA ASN B 25 7.16 14.73 -20.19
C ASN B 25 7.00 14.36 -18.72
N VAL B 26 6.22 13.32 -18.43
CA VAL B 26 5.97 12.92 -17.05
C VAL B 26 6.64 11.58 -16.72
N LEU B 27 6.39 10.57 -17.53
CA LEU B 27 6.96 9.23 -17.30
C LEU B 27 8.48 9.24 -17.30
N ILE B 28 9.06 10.24 -17.97
CA ILE B 28 10.52 10.39 -18.05
C ILE B 28 11.16 10.66 -16.68
N HIS B 29 10.34 11.02 -15.70
CA HIS B 29 10.82 11.29 -14.33
C HIS B 29 10.81 10.07 -13.42
N LEU B 30 10.27 8.96 -13.91
CA LEU B 30 10.41 7.67 -13.24
C LEU B 30 11.80 7.13 -13.54
N LYS B 31 12.36 6.35 -12.61
CA LYS B 31 13.57 5.59 -12.90
C LYS B 31 13.16 4.14 -13.09
N SER B 32 13.79 3.46 -14.04
CA SER B 32 13.53 2.05 -14.27
C SER B 32 13.79 1.26 -12.98
N VAL B 33 13.14 0.10 -12.87
CA VAL B 33 13.36 -0.76 -11.72
C VAL B 33 14.83 -1.16 -11.62
N GLU B 34 15.46 -1.45 -12.76
CA GLU B 34 16.86 -1.85 -12.78
C GLU B 34 17.80 -0.75 -12.25
N LYS B 35 17.41 0.50 -12.45
CA LYS B 35 18.21 1.65 -12.00
C LYS B 35 17.79 2.24 -10.63
N SER B 36 16.82 1.61 -9.98
CA SER B 36 16.32 2.09 -8.70
C SER B 36 17.13 1.54 -7.53
N TRP B 37 17.45 2.39 -6.56
CA TRP B 37 17.97 1.90 -5.29
C TRP B 37 16.90 1.02 -4.68
N GLN B 38 17.30 0.08 -3.82
CA GLN B 38 16.33 -0.72 -3.08
C GLN B 38 16.68 -0.66 -1.60
N PRO B 39 15.70 -0.89 -0.71
CA PRO B 39 15.95 -0.85 0.74
C PRO B 39 17.21 -1.61 1.17
N GLN B 40 17.44 -2.79 0.59
CA GLN B 40 18.60 -3.60 0.98
C GLN B 40 19.94 -2.87 0.79
N ASP B 41 19.98 -1.90 -0.10
CA ASP B 41 21.20 -1.13 -0.37
C ASP B 41 21.66 -0.34 0.87
N TYR B 42 20.74 -0.12 1.79
CA TYR B 42 20.98 0.75 2.94
C TYR B 42 20.78 0.06 4.27
N LEU B 43 20.71 -1.27 4.24
CA LEU B 43 20.45 -2.04 5.45
C LEU B 43 21.55 -3.09 5.64
N PRO B 44 21.80 -3.50 6.90
CA PRO B 44 22.71 -4.62 7.13
C PRO B 44 22.36 -5.78 6.20
N ASP B 45 23.38 -6.40 5.63
CA ASP B 45 23.21 -7.47 4.65
C ASP B 45 23.07 -8.83 5.35
N PRO B 46 21.84 -9.39 5.35
CA PRO B 46 21.55 -10.61 6.10
C PRO B 46 22.23 -11.88 5.61
N VAL B 47 22.84 -11.81 4.42
CA VAL B 47 23.61 -12.92 3.87
C VAL B 47 25.11 -12.72 4.14
N SER B 48 25.48 -11.51 4.58
CA SER B 48 26.87 -11.18 4.90
C SER B 48 27.38 -11.91 6.15
N ASP B 49 28.67 -12.23 6.12
CA ASP B 49 29.38 -12.75 7.30
C ASP B 49 29.30 -11.75 8.47
N GLY B 50 29.26 -10.46 8.14
CA GLY B 50 29.25 -9.39 9.15
C GLY B 50 27.88 -8.83 9.51
N PHE B 51 26.81 -9.53 9.12
CA PHE B 51 25.43 -9.10 9.39
C PHE B 51 25.23 -8.67 10.85
N GLU B 52 25.57 -9.58 11.78
CA GLU B 52 25.40 -9.34 13.21
C GLU B 52 26.19 -8.11 13.67
N GLU B 53 27.42 -7.99 13.18
CA GLU B 53 28.27 -6.82 13.41
C GLU B 53 27.64 -5.54 12.85
N GLN B 54 27.08 -5.61 11.65
CA GLN B 54 26.45 -4.46 11.00
C GLN B 54 25.21 -3.98 11.77
N VAL B 55 24.45 -4.94 12.31
CA VAL B 55 23.28 -4.64 13.14
C VAL B 55 23.70 -3.95 14.45
N ARG B 56 24.76 -4.47 15.07
CA ARG B 56 25.33 -3.88 16.28
CA ARG B 56 25.32 -3.88 16.29
C ARG B 56 25.71 -2.41 16.07
N GLU B 57 26.38 -2.14 14.95
CA GLU B 57 26.85 -0.80 14.59
C GLU B 57 25.71 0.19 14.32
N LEU B 58 24.67 -0.28 13.63
CA LEU B 58 23.48 0.53 13.41
C LEU B 58 22.88 0.94 14.77
N ARG B 59 22.79 -0.04 15.68
CA ARG B 59 22.25 0.18 17.03
C ARG B 59 23.10 1.12 17.87
N GLU B 60 24.42 1.03 17.71
CA GLU B 60 25.34 1.92 18.42
C GLU B 60 25.19 3.36 17.93
N ARG B 61 25.05 3.54 16.63
CA ARG B 61 24.83 4.86 16.04
C ARG B 61 23.48 5.45 16.42
N ALA B 62 22.45 4.60 16.47
CA ALA B 62 21.10 5.00 16.84
C ALA B 62 21.01 5.55 18.27
N LYS B 63 21.87 5.06 19.16
CA LYS B 63 21.90 5.52 20.56
C LYS B 63 22.26 7.01 20.66
N GLU B 64 23.03 7.50 19.70
CA GLU B 64 23.50 8.89 19.70
C GLU B 64 22.52 9.85 19.03
N ILE B 65 21.37 9.33 18.60
CA ILE B 65 20.30 10.13 18.00
C ILE B 65 19.19 10.33 19.03
N PRO B 66 18.82 11.61 19.31
CA PRO B 66 17.85 11.93 20.36
C PRO B 66 16.42 11.42 20.10
N ASP B 67 15.67 11.24 21.18
CA ASP B 67 14.27 10.83 21.10
C ASP B 67 13.42 11.72 20.20
N ASP B 68 13.64 13.04 20.27
CA ASP B 68 12.90 14.03 19.48
CA ASP B 68 12.81 13.95 19.47
C ASP B 68 12.94 13.71 17.98
N TYR B 69 14.16 13.44 17.50
CA TYR B 69 14.40 13.05 16.12
C TYR B 69 13.66 11.76 15.76
N PHE B 70 13.71 10.77 16.64
CA PHE B 70 12.97 9.53 16.40
C PHE B 70 11.46 9.72 16.31
N VAL B 71 10.92 10.64 17.10
CA VAL B 71 9.49 10.95 16.99
C VAL B 71 9.13 11.40 15.57
N VAL B 72 9.96 12.29 15.02
CA VAL B 72 9.72 12.82 13.68
C VAL B 72 9.94 11.72 12.62
N LEU B 73 11.02 10.96 12.76
CA LEU B 73 11.30 9.86 11.84
C LEU B 73 10.18 8.81 11.82
N VAL B 74 9.64 8.49 13.00
CA VAL B 74 8.54 7.52 13.08
C VAL B 74 7.30 8.08 12.40
N GLY B 75 6.97 9.35 12.69
CA GLY B 75 5.85 10.04 12.05
C GLY B 75 5.98 9.95 10.53
N ASP B 76 7.20 10.21 10.04
CA ASP B 76 7.52 10.12 8.61
CA ASP B 76 7.47 10.14 8.61
C ASP B 76 7.30 8.70 8.08
N MET B 77 7.83 7.70 8.79
CA MET B 77 7.68 6.31 8.37
C MET B 77 6.21 5.87 8.36
N ILE B 78 5.45 6.25 9.39
CA ILE B 78 4.02 5.90 9.46
C ILE B 78 3.29 6.50 8.25
N THR B 79 3.59 7.75 7.93
CA THR B 79 3.01 8.39 6.74
C THR B 79 3.33 7.61 5.46
N GLU B 80 4.58 7.21 5.29
CA GLU B 80 5.00 6.41 4.13
C GLU B 80 4.27 5.08 4.02
N GLU B 81 4.08 4.42 5.16
CA GLU B 81 3.48 3.09 5.22
C GLU B 81 2.02 3.05 4.82
N ALA B 82 1.34 4.20 4.83
CA ALA B 82 -0.07 4.26 4.48
C ALA B 82 -0.26 4.34 2.96
N LEU B 83 0.77 3.93 2.22
CA LEU B 83 0.76 3.99 0.76
C LEU B 83 -0.55 3.52 0.07
N PRO B 84 -1.18 2.41 0.53
CA PRO B 84 -2.44 2.04 -0.16
C PRO B 84 -3.45 3.20 -0.27
N THR B 85 -3.54 4.01 0.78
CA THR B 85 -4.40 5.20 0.80
C THR B 85 -4.11 6.12 -0.38
N TYR B 86 -2.83 6.34 -0.68
CA TYR B 86 -2.42 7.32 -1.67
C TYR B 86 -2.66 6.85 -3.09
N MET B 87 -2.37 5.58 -3.36
CA MET B 87 -2.70 5.01 -4.66
C MET B 87 -4.22 5.06 -4.91
N SER B 88 -5.02 4.79 -3.87
CA SER B 88 -6.49 4.89 -4.01
C SER B 88 -6.91 6.32 -4.36
N MET B 89 -6.22 7.30 -3.79
CA MET B 89 -6.47 8.71 -4.11
C MET B 89 -6.27 8.97 -5.60
N LEU B 90 -5.12 8.55 -6.14
CA LEU B 90 -4.84 8.70 -7.56
C LEU B 90 -5.83 7.90 -8.41
N ASN B 91 -6.22 6.73 -7.91
CA ASN B 91 -7.16 5.88 -8.63
C ASN B 91 -8.66 6.22 -8.45
N ARG B 92 -8.93 7.33 -7.76
CA ARG B 92 -10.29 7.88 -7.79
CA ARG B 92 -10.24 7.99 -7.63
C ARG B 92 -10.32 9.21 -8.54
N CYS B 93 -9.21 9.52 -9.20
CA CYS B 93 -9.05 10.76 -9.93
C CYS B 93 -9.60 10.69 -11.37
N ASP B 94 -10.64 11.48 -11.61
CA ASP B 94 -11.25 11.60 -12.95
C ASP B 94 -10.20 11.88 -14.01
N GLY B 95 -10.24 11.11 -15.09
CA GLY B 95 -9.33 11.33 -16.21
C GLY B 95 -8.00 10.63 -16.12
N ILE B 96 -7.60 10.18 -14.93
CA ILE B 96 -6.32 9.50 -14.81
C ILE B 96 -6.38 8.12 -14.14
N LYS B 97 -7.44 7.84 -13.39
CA LYS B 97 -7.59 6.57 -12.67
C LYS B 97 -7.43 5.35 -13.59
N ASP B 98 -6.79 4.31 -13.05
CA ASP B 98 -6.57 3.04 -13.75
C ASP B 98 -7.90 2.31 -13.90
N GLU B 99 -8.34 2.07 -15.12
CA GLU B 99 -9.65 1.49 -15.35
C GLU B 99 -9.73 -0.03 -15.07
N THR B 100 -8.58 -0.72 -15.10
CA THR B 100 -8.56 -2.20 -15.03
C THR B 100 -7.60 -2.76 -13.97
N GLY B 101 -6.67 -1.94 -13.49
CA GLY B 101 -5.59 -2.42 -12.62
C GLY B 101 -4.28 -2.60 -13.38
N ALA B 102 -4.35 -2.60 -14.71
CA ALA B 102 -3.18 -2.70 -15.57
C ALA B 102 -3.33 -1.88 -16.85
N GLU B 103 -4.16 -0.84 -16.81
CA GLU B 103 -4.42 -0.02 -17.99
C GLU B 103 -3.09 0.55 -18.54
N PRO B 104 -2.87 0.42 -19.87
CA PRO B 104 -1.64 0.92 -20.48
C PRO B 104 -1.67 2.40 -20.88
N SER B 105 -2.43 3.22 -20.15
CA SER B 105 -2.42 4.66 -20.38
C SER B 105 -1.20 5.24 -19.67
N ALA B 106 -0.74 6.41 -20.12
CA ALA B 106 0.37 7.11 -19.46
C ALA B 106 0.07 7.35 -17.98
N TRP B 107 -1.15 7.83 -17.71
CA TRP B 107 -1.58 8.20 -16.36
C TRP B 107 -1.59 7.01 -15.39
N ALA B 108 -2.16 5.88 -15.82
CA ALA B 108 -2.17 4.68 -14.99
C ALA B 108 -0.76 4.11 -14.83
N MET B 109 0.02 4.14 -15.92
CA MET B 109 1.41 3.71 -15.84
C MET B 109 2.17 4.52 -14.80
N TRP B 110 1.94 5.83 -14.78
CA TRP B 110 2.55 6.68 -13.77
C TRP B 110 2.12 6.28 -12.35
N THR B 111 0.82 6.20 -12.11
CA THR B 111 0.28 5.86 -10.80
C THR B 111 0.88 4.58 -10.23
N ARG B 112 0.90 3.53 -11.05
CA ARG B 112 1.44 2.25 -10.62
C ARG B 112 2.95 2.34 -10.36
N ALA B 113 3.68 2.98 -11.28
CA ALA B 113 5.14 3.09 -11.15
C ALA B 113 5.54 3.96 -9.96
N TRP B 114 4.82 5.07 -9.76
CA TRP B 114 5.01 5.94 -8.59
C TRP B 114 4.76 5.19 -7.28
N THR B 115 3.67 4.42 -7.25
CA THR B 115 3.34 3.61 -6.08
C THR B 115 4.46 2.60 -5.81
N ALA B 116 4.96 1.97 -6.89
CA ALA B 116 6.06 1.01 -6.76
C ALA B 116 7.32 1.65 -6.18
N GLU B 117 7.61 2.88 -6.62
CA GLU B 117 8.74 3.62 -6.08
C GLU B 117 8.51 3.98 -4.60
N GLU B 118 7.29 4.41 -4.29
CA GLU B 118 6.91 4.82 -2.92
C GLU B 118 6.98 3.68 -1.92
N ASN B 119 6.74 2.46 -2.39
CA ASN B 119 6.75 1.29 -1.53
C ASN B 119 8.09 1.06 -0.82
N ARG B 120 9.18 1.40 -1.50
CA ARG B 120 10.52 1.27 -0.94
C ARG B 120 10.75 2.21 0.24
N HIS B 121 10.06 3.35 0.24
CA HIS B 121 10.25 4.36 1.29
C HIS B 121 9.88 3.78 2.65
N GLY B 122 8.68 3.21 2.75
CA GLY B 122 8.18 2.62 4.00
C GLY B 122 8.98 1.39 4.40
N ASP B 123 9.27 0.54 3.41
CA ASP B 123 10.03 -0.69 3.62
CA ASP B 123 10.01 -0.69 3.63
C ASP B 123 11.36 -0.41 4.30
N LEU B 124 12.11 0.52 3.73
CA LEU B 124 13.41 0.93 4.26
C LEU B 124 13.34 1.55 5.67
N LEU B 125 12.47 2.54 5.85
CA LEU B 125 12.32 3.20 7.16
C LEU B 125 11.81 2.21 8.22
N ASN B 126 10.91 1.31 7.82
CA ASN B 126 10.38 0.29 8.75
C ASN B 126 11.49 -0.59 9.29
N LYS B 127 12.31 -1.15 8.40
CA LYS B 127 13.41 -1.98 8.85
C LYS B 127 14.51 -1.23 9.58
N TYR B 128 14.78 0.01 9.18
CA TYR B 128 15.74 0.81 9.94
C TYR B 128 15.26 0.95 11.39
N LEU B 129 14.01 1.37 11.56
CA LEU B 129 13.44 1.64 12.88
C LEU B 129 13.33 0.37 13.70
N TYR B 130 13.00 -0.74 13.02
CA TYR B 130 12.94 -2.03 13.67
C TYR B 130 14.30 -2.41 14.26
N LEU B 131 15.35 -2.36 13.44
CA LEU B 131 16.69 -2.71 13.91
C LEU B 131 17.26 -1.74 14.95
N SER B 132 16.81 -0.48 14.94
CA SER B 132 17.40 0.56 15.81
C SER B 132 17.29 0.23 17.30
N GLY B 133 16.19 -0.42 17.69
CA GLY B 133 15.91 -0.66 19.10
C GLY B 133 15.51 0.60 19.87
N ARG B 134 15.26 1.69 19.15
CA ARG B 134 14.99 2.98 19.79
C ARG B 134 13.50 3.28 19.94
N VAL B 135 12.68 2.46 19.29
CA VAL B 135 11.24 2.74 19.20
C VAL B 135 10.40 1.49 19.45
N ASP B 136 9.14 1.71 19.83
CA ASP B 136 8.18 0.65 20.07
C ASP B 136 7.46 0.28 18.77
N MET B 137 7.93 -0.78 18.13
CA MET B 137 7.38 -1.20 16.83
C MET B 137 5.92 -1.60 16.91
N ARG B 138 5.54 -2.27 18.00
CA ARG B 138 4.13 -2.68 18.14
C ARG B 138 3.18 -1.47 18.16
N LYS B 139 3.60 -0.41 18.84
CA LYS B 139 2.81 0.82 18.90
C LYS B 139 2.78 1.53 17.54
N ILE B 140 3.90 1.50 16.83
CA ILE B 140 4.00 2.03 15.48
C ILE B 140 3.07 1.25 14.53
N GLU B 141 3.08 -0.07 14.67
CA GLU B 141 2.22 -0.96 13.89
C GLU B 141 0.72 -0.72 14.16
N LYS B 142 0.37 -0.53 15.43
CA LYS B 142 -0.98 -0.11 15.81
C LYS B 142 -1.36 1.22 15.16
N THR B 143 -0.45 2.19 15.21
CA THR B 143 -0.67 3.51 14.59
C THR B 143 -0.95 3.39 13.09
N ILE B 144 -0.12 2.63 12.39
CA ILE B 144 -0.30 2.39 10.96
C ILE B 144 -1.64 1.71 10.66
N GLN B 145 -2.05 0.75 11.48
CA GLN B 145 -3.31 0.06 11.24
C GLN B 145 -4.50 1.02 11.44
N TYR B 146 -4.45 1.85 12.48
CA TYR B 146 -5.44 2.93 12.65
C TYR B 146 -5.45 3.85 11.43
N LEU B 147 -4.28 4.24 10.96
CA LEU B 147 -4.17 5.22 9.85
C LEU B 147 -4.75 4.72 8.54
N ILE B 148 -4.42 3.48 8.17
CA ILE B 148 -4.96 2.91 6.94
C ILE B 148 -6.48 2.73 7.07
N GLY B 149 -6.94 2.33 8.24
CA GLY B 149 -8.37 2.19 8.51
C GLY B 149 -9.12 3.52 8.45
N SER B 150 -8.46 4.59 8.89
CA SER B 150 -9.05 5.94 8.89
C SER B 150 -9.05 6.56 7.49
N GLY B 151 -8.01 6.24 6.72
CA GLY B 151 -7.78 6.87 5.42
C GLY B 151 -7.34 8.32 5.61
N MET B 152 -7.71 9.15 4.63
CA MET B 152 -7.43 10.58 4.68
C MET B 152 -8.52 11.35 3.94
N ASP B 153 -8.65 12.64 4.27
CA ASP B 153 -9.68 13.49 3.71
C ASP B 153 -9.03 14.80 3.29
N ILE B 154 -8.28 14.77 2.21
CA ILE B 154 -7.50 15.93 1.77
C ILE B 154 -8.27 16.81 0.76
N LYS B 155 -9.48 16.36 0.40
CA LYS B 155 -10.47 17.17 -0.31
C LYS B 155 -10.11 17.59 -1.73
N SER B 156 -9.57 16.64 -2.50
CA SER B 156 -9.22 16.90 -3.89
C SER B 156 -10.34 16.46 -4.84
N GLU B 157 -11.45 15.99 -4.27
CA GLU B 157 -12.74 15.83 -4.98
C GLU B 157 -12.63 15.13 -6.34
N ASN B 158 -11.84 14.06 -6.45
CA ASN B 158 -11.71 13.30 -7.71
C ASN B 158 -11.13 14.13 -8.87
N SER B 159 -10.61 15.32 -8.58
CA SER B 159 -10.11 16.21 -9.60
C SER B 159 -8.60 16.10 -9.78
N PRO B 160 -8.16 15.88 -11.04
CA PRO B 160 -6.72 15.90 -11.31
C PRO B 160 -6.11 17.29 -11.15
N TYR B 161 -6.91 18.35 -11.34
CA TYR B 161 -6.44 19.71 -11.08
C TYR B 161 -6.13 19.84 -9.58
N LEU B 162 -7.13 19.58 -8.74
CA LEU B 162 -6.94 19.68 -7.29
C LEU B 162 -5.88 18.69 -6.80
N GLY B 163 -5.94 17.46 -7.32
CA GLY B 163 -5.06 16.36 -6.91
C GLY B 163 -3.61 16.58 -7.24
N PHE B 164 -3.34 16.99 -8.49
CA PHE B 164 -1.96 17.23 -8.93
C PHE B 164 -1.34 18.47 -8.29
N ILE B 165 -2.14 19.51 -8.06
CA ILE B 165 -1.69 20.66 -7.27
C ILE B 165 -1.31 20.21 -5.87
N TYR B 166 -2.20 19.46 -5.23
CA TYR B 166 -1.93 18.91 -3.91
C TYR B 166 -0.64 18.07 -3.87
N THR B 167 -0.46 17.18 -4.84
CA THR B 167 0.71 16.29 -4.84
CA THR B 167 0.70 16.28 -4.84
C THR B 167 2.01 17.03 -5.16
N SER B 168 1.92 18.05 -6.03
CA SER B 168 3.07 18.92 -6.29
C SER B 168 3.54 19.55 -4.97
N PHE B 169 2.60 20.09 -4.22
CA PHE B 169 2.87 20.72 -2.92
C PHE B 169 3.44 19.72 -1.91
N GLN B 170 2.73 18.60 -1.73
CA GLN B 170 3.08 17.65 -0.67
C GLN B 170 4.36 16.87 -0.93
N GLU B 171 4.65 16.57 -2.19
CA GLU B 171 5.93 15.91 -2.51
C GLU B 171 7.12 16.83 -2.23
N ARG B 172 6.96 18.12 -2.51
CA ARG B 172 7.99 19.10 -2.15
C ARG B 172 8.12 19.19 -0.62
N ALA B 173 7.00 19.13 0.09
CA ALA B 173 7.03 19.14 1.56
C ALA B 173 7.81 17.96 2.13
N THR B 174 7.54 16.76 1.63
CA THR B 174 8.25 15.60 2.14
CA THR B 174 8.24 15.55 2.07
C THR B 174 9.73 15.63 1.72
N PHE B 175 10.03 16.21 0.55
CA PHE B 175 11.43 16.40 0.12
C PHE B 175 12.22 17.23 1.14
N ILE B 176 11.70 18.41 1.46
CA ILE B 176 12.30 19.31 2.42
C ILE B 176 12.48 18.60 3.77
N SER B 177 11.44 17.88 4.17
CA SER B 177 11.42 17.14 5.41
C SER B 177 12.53 16.08 5.44
N HIS B 178 12.67 15.32 4.37
CA HIS B 178 13.70 14.28 4.29
C HIS B 178 15.11 14.84 4.17
N ALA B 179 15.26 15.94 3.42
CA ALA B 179 16.53 16.65 3.33
C ALA B 179 17.01 17.14 4.69
N ASN B 180 16.07 17.65 5.49
CA ASN B 180 16.38 18.12 6.84
C ASN B 180 16.71 16.98 7.81
N THR B 181 16.00 15.86 7.70
CA THR B 181 16.27 14.70 8.56
CA THR B 181 16.27 14.69 8.55
C THR B 181 17.59 14.00 8.18
N ALA B 182 17.96 14.06 6.91
CA ALA B 182 19.26 13.55 6.44
C ALA B 182 20.41 14.40 7.00
N LYS B 183 20.21 15.72 6.98
CA LYS B 183 21.16 16.69 7.50
C LYS B 183 21.37 16.48 9.00
N LEU B 184 20.27 16.22 9.71
CA LEU B 184 20.33 15.95 11.16
C LEU B 184 21.00 14.62 11.47
N ALA B 185 20.67 13.59 10.70
CA ALA B 185 21.29 12.27 10.84
C ALA B 185 22.82 12.35 10.76
N GLN B 186 23.31 13.08 9.76
CA GLN B 186 24.76 13.28 9.59
CA GLN B 186 24.75 13.27 9.59
C GLN B 186 25.35 14.04 10.78
N HIS B 187 24.61 15.02 11.29
CA HIS B 187 25.05 15.80 12.45
C HIS B 187 25.19 14.93 13.69
N TRP B 188 24.29 13.95 13.83
CA TRP B 188 24.33 12.99 14.94
C TRP B 188 25.33 11.85 14.69
N GLY B 189 26.04 11.91 13.57
CA GLY B 189 27.10 10.95 13.25
C GLY B 189 26.65 9.66 12.59
N ASP B 190 25.44 9.65 12.06
CA ASP B 190 24.88 8.46 11.42
C ASP B 190 24.78 8.65 9.90
N LYS B 191 25.88 8.35 9.23
CA LYS B 191 26.04 8.50 7.79
C LYS B 191 25.06 7.63 6.99
N ASN B 192 24.83 6.39 7.44
CA ASN B 192 23.90 5.51 6.74
C ASN B 192 22.46 5.99 6.80
N LEU B 193 22.03 6.47 7.96
CA LEU B 193 20.69 7.03 8.09
C LEU B 193 20.55 8.26 7.21
N ALA B 194 21.62 9.07 7.15
CA ALA B 194 21.68 10.21 6.23
C ALA B 194 21.41 9.77 4.77
N HIS B 195 22.03 8.67 4.37
CA HIS B 195 21.85 8.12 3.01
C HIS B 195 20.42 7.61 2.80
N ILE B 196 19.86 6.96 3.82
CA ILE B 196 18.48 6.49 3.79
C ILE B 196 17.55 7.67 3.46
N CYS B 197 17.68 8.74 4.23
CA CYS B 197 16.83 9.92 4.06
C CYS B 197 17.07 10.63 2.74
N GLY B 198 18.34 10.69 2.32
CA GLY B 198 18.73 11.34 1.08
C GLY B 198 18.21 10.61 -0.15
N SER B 199 18.20 9.29 -0.07
CA SER B 199 17.68 8.46 -1.16
C SER B 199 16.18 8.60 -1.34
N ILE B 200 15.44 8.63 -0.22
CA ILE B 200 14.00 8.89 -0.28
C ILE B 200 13.76 10.31 -0.82
N ALA B 201 14.55 11.27 -0.33
CA ALA B 201 14.46 12.66 -0.79
C ALA B 201 14.67 12.79 -2.29
N SER B 202 15.63 12.04 -2.84
CA SER B 202 15.89 12.08 -4.27
C SER B 202 14.70 11.61 -5.12
N ASP B 203 13.92 10.65 -4.61
CA ASP B 203 12.68 10.24 -5.25
C ASP B 203 11.63 11.35 -5.24
N GLU B 204 11.51 12.00 -4.09
CA GLU B 204 10.54 13.08 -3.90
C GLU B 204 10.79 14.27 -4.82
N LYS B 205 12.07 14.59 -5.04
CA LYS B 205 12.46 15.65 -5.98
C LYS B 205 11.99 15.34 -7.41
N ARG B 206 12.23 14.11 -7.86
CA ARG B 206 11.75 13.66 -9.18
C ARG B 206 10.22 13.65 -9.25
N HIS B 207 9.57 13.10 -8.23
CA HIS B 207 8.10 13.06 -8.19
C HIS B 207 7.49 14.47 -8.15
N ALA B 208 8.04 15.35 -7.31
CA ALA B 208 7.56 16.72 -7.23
C ALA B 208 7.73 17.44 -8.56
N THR B 209 8.89 17.23 -9.20
CA THR B 209 9.14 17.77 -10.55
C THR B 209 8.12 17.32 -11.59
N ALA B 210 7.76 16.02 -11.55
CA ALA B 210 6.80 15.46 -12.48
C ALA B 210 5.39 16.04 -12.28
N TYR B 211 4.90 16.04 -11.05
CA TYR B 211 3.60 16.62 -10.74
C TYR B 211 3.53 18.11 -11.05
N THR B 212 4.59 18.83 -10.73
CA THR B 212 4.70 20.26 -10.99
C THR B 212 4.62 20.55 -12.50
N LYS B 213 5.24 19.68 -13.31
CA LYS B 213 5.22 19.79 -14.77
C LYS B 213 3.82 19.60 -15.34
N ILE B 214 3.08 18.65 -14.78
CA ILE B 214 1.68 18.44 -15.16
C ILE B 214 0.87 19.72 -14.94
N VAL B 215 0.95 20.26 -13.73
CA VAL B 215 0.19 21.48 -13.40
C VAL B 215 0.65 22.67 -14.25
N GLU B 216 1.94 22.73 -14.56
CA GLU B 216 2.47 23.75 -15.46
C GLU B 216 1.79 23.68 -16.84
N LYS B 217 1.64 22.46 -17.36
CA LYS B 217 0.99 22.25 -18.65
C LYS B 217 -0.48 22.62 -18.55
N LEU B 218 -1.14 22.19 -17.47
CA LEU B 218 -2.55 22.55 -17.26
C LEU B 218 -2.73 24.06 -17.18
N ALA B 219 -1.76 24.75 -16.57
CA ALA B 219 -1.82 26.21 -16.45
C ALA B 219 -1.69 26.88 -17.83
N GLU B 220 -0.95 26.24 -18.74
CA GLU B 220 -0.73 26.74 -20.09
CA GLU B 220 -0.75 26.77 -20.08
C GLU B 220 -1.99 26.63 -20.95
N ILE B 221 -2.62 25.46 -20.91
CA ILE B 221 -3.76 25.18 -21.79
C ILE B 221 -5.12 25.48 -21.13
N ASP B 222 -5.13 25.56 -19.80
CA ASP B 222 -6.34 25.80 -19.04
C ASP B 222 -6.03 26.69 -17.85
N PRO B 223 -5.68 27.98 -18.10
CA PRO B 223 -5.16 28.83 -17.01
C PRO B 223 -6.20 29.15 -15.92
N ASP B 224 -7.43 29.46 -16.32
CA ASP B 224 -8.49 29.80 -15.37
C ASP B 224 -8.84 28.65 -14.43
N THR B 225 -9.14 27.50 -15.01
CA THR B 225 -9.46 26.29 -14.23
C THR B 225 -8.33 25.98 -13.24
N THR B 226 -7.09 26.09 -13.71
CA THR B 226 -5.92 25.70 -12.93
C THR B 226 -5.66 26.64 -11.74
N VAL B 227 -5.69 27.94 -12.00
CA VAL B 227 -5.47 28.95 -10.94
C VAL B 227 -6.60 28.95 -9.89
N ILE B 228 -7.84 28.76 -10.33
CA ILE B 228 -8.97 28.61 -9.42
C ILE B 228 -8.80 27.37 -8.52
N ALA B 229 -8.35 26.26 -9.11
CA ALA B 229 -8.08 25.04 -8.38
C ALA B 229 -6.96 25.23 -7.36
N PHE B 230 -5.91 25.97 -7.76
CA PHE B 230 -4.80 26.33 -6.88
C PHE B 230 -5.28 27.12 -5.66
N ALA B 231 -6.03 28.20 -5.89
CA ALA B 231 -6.62 28.98 -4.80
C ALA B 231 -7.53 28.13 -3.91
N ASP B 232 -8.31 27.25 -4.54
CA ASP B 232 -9.22 26.35 -3.81
C ASP B 232 -8.47 25.49 -2.79
N MET B 233 -7.35 24.90 -3.23
CA MET B 233 -6.59 24.01 -2.37
C MET B 233 -5.86 24.75 -1.26
N MET B 234 -5.38 25.96 -1.57
CA MET B 234 -4.71 26.80 -0.59
C MET B 234 -5.70 27.35 0.44
N ARG B 235 -6.91 27.68 -0.01
CA ARG B 235 -7.98 28.19 0.87
C ARG B 235 -8.40 27.13 1.90
N LYS B 236 -8.53 25.89 1.45
CA LYS B 236 -8.79 24.74 2.33
C LYS B 236 -7.58 24.45 3.23
N LYS B 237 -6.40 24.86 2.75
CA LYS B 237 -5.09 24.53 3.33
C LYS B 237 -4.66 23.13 2.90
N ILE B 238 -3.36 22.97 2.65
CA ILE B 238 -2.82 21.67 2.24
C ILE B 238 -2.79 20.74 3.45
N THR B 239 -3.67 19.74 3.44
CA THR B 239 -3.81 18.80 4.54
C THR B 239 -2.71 17.73 4.48
N MET B 240 -2.05 17.48 5.60
CA MET B 240 -1.04 16.42 5.65
C MET B 240 -1.73 15.08 5.44
N PRO B 241 -1.13 14.21 4.61
CA PRO B 241 -1.75 12.90 4.31
C PRO B 241 -2.09 12.07 5.56
N ALA B 242 -1.28 12.16 6.60
CA ALA B 242 -1.54 11.40 7.84
C ALA B 242 -2.23 12.22 8.92
N HIS B 243 -3.06 13.18 8.52
CA HIS B 243 -3.73 14.06 9.48
C HIS B 243 -4.59 13.31 10.51
N LEU B 244 -5.06 12.12 10.15
CA LEU B 244 -5.94 11.33 11.04
C LEU B 244 -5.18 10.37 11.97
N MET B 245 -3.85 10.52 12.02
CA MET B 245 -2.98 9.63 12.80
CA MET B 245 -3.02 9.59 12.80
C MET B 245 -3.45 9.47 14.25
N TYR B 246 -3.46 8.24 14.73
CA TYR B 246 -3.89 7.90 16.09
C TYR B 246 -3.18 6.61 16.52
N ASP B 247 -2.78 6.54 17.78
CA ASP B 247 -2.02 5.40 18.29
C ASP B 247 -2.77 4.61 19.37
N GLY B 248 -4.03 4.95 19.60
CA GLY B 248 -4.81 4.28 20.64
C GLY B 248 -4.69 4.93 22.01
N SER B 249 -3.95 6.03 22.12
CA SER B 249 -3.91 6.80 23.37
C SER B 249 -3.98 8.31 23.19
N ASP B 250 -3.15 8.86 22.30
CA ASP B 250 -3.10 10.31 22.10
C ASP B 250 -4.07 10.74 20.99
N GLU B 251 -5.21 11.31 21.38
CA GLU B 251 -6.19 11.80 20.42
C GLU B 251 -5.69 13.03 19.64
N LEU B 252 -4.66 13.69 20.14
CA LEU B 252 -4.05 14.83 19.46
C LEU B 252 -2.67 14.49 18.89
N LEU B 253 -2.49 13.22 18.51
CA LEU B 253 -1.20 12.70 18.08
C LEU B 253 -0.59 13.46 16.89
N PHE B 254 -1.41 13.81 15.90
CA PHE B 254 -0.91 14.53 14.73
C PHE B 254 -0.36 15.92 15.08
N LYS B 255 -1.15 16.68 15.83
CA LYS B 255 -0.74 18.00 16.30
C LYS B 255 0.58 17.92 17.06
N HIS B 256 0.69 16.94 17.96
CA HIS B 256 1.88 16.77 18.80
C HIS B 256 3.11 16.40 17.99
N PHE B 257 2.96 15.46 17.06
CA PHE B 257 4.04 15.08 16.15
C PHE B 257 4.50 16.26 15.29
N THR B 258 3.53 17.02 14.78
CA THR B 258 3.79 18.21 13.97
C THR B 258 4.56 19.27 14.76
N ALA B 259 4.15 19.50 16.01
CA ALA B 259 4.84 20.44 16.90
C ALA B 259 6.31 20.06 17.09
N VAL B 260 6.58 18.76 17.28
CA VAL B 260 7.94 18.26 17.44
C VAL B 260 8.76 18.46 16.16
N ALA B 261 8.21 18.05 15.03
CA ALA B 261 8.85 18.24 13.71
C ALA B 261 9.17 19.72 13.43
N GLN B 262 8.31 20.60 13.92
CA GLN B 262 8.47 22.05 13.79
C GLN B 262 9.61 22.55 14.66
N ARG B 263 9.61 22.16 15.94
CA ARG B 263 10.65 22.57 16.88
C ARG B 263 12.04 22.11 16.45
N VAL B 264 12.17 20.83 16.04
CA VAL B 264 13.48 20.28 15.67
C VAL B 264 13.98 20.76 14.30
N GLY B 265 13.12 21.45 13.54
CA GLY B 265 13.50 22.09 12.29
C GLY B 265 13.46 21.18 11.06
N VAL B 266 12.61 20.16 11.11
CA VAL B 266 12.49 19.22 9.98
C VAL B 266 11.48 19.76 8.98
N TYR B 267 10.32 20.18 9.47
CA TYR B 267 9.31 20.85 8.66
C TYR B 267 8.56 21.86 9.52
N SER B 268 8.35 23.06 8.95
CA SER B 268 7.72 24.16 9.67
C SER B 268 6.81 24.95 8.73
N ALA B 269 6.07 25.90 9.29
CA ALA B 269 5.16 26.75 8.53
C ALA B 269 5.86 27.67 7.52
N LEU B 270 7.14 27.99 7.77
CA LEU B 270 7.92 28.77 6.81
C LEU B 270 8.37 27.95 5.59
N ASP B 271 8.58 26.65 5.78
CA ASP B 271 8.80 25.73 4.64
C ASP B 271 7.55 25.69 3.77
N TYR B 272 6.39 25.55 4.41
CA TYR B 272 5.07 25.59 3.75
C TYR B 272 4.97 26.84 2.88
N CYS B 273 5.38 27.98 3.46
CA CYS B 273 5.39 29.26 2.76
CA CYS B 273 5.40 29.25 2.76
C CYS B 273 6.33 29.24 1.56
N ASP B 274 7.52 28.66 1.75
CA ASP B 274 8.51 28.56 0.67
C ASP B 274 7.96 27.76 -0.52
N ILE B 275 7.26 26.66 -0.23
CA ILE B 275 6.68 25.80 -1.26
C ILE B 275 5.62 26.58 -2.05
N LEU B 276 4.70 27.21 -1.32
CA LEU B 276 3.67 28.04 -1.95
C LEU B 276 4.28 29.06 -2.90
N GLU B 277 5.27 29.82 -2.42
CA GLU B 277 5.91 30.85 -3.23
C GLU B 277 6.66 30.26 -4.43
N PHE B 278 7.33 29.12 -4.22
CA PHE B 278 7.99 28.42 -5.33
C PHE B 278 7.00 28.02 -6.42
N LEU B 279 5.86 27.44 -6.03
CA LEU B 279 4.85 26.98 -6.99
C LEU B 279 4.12 28.13 -7.72
N VAL B 280 3.86 29.23 -7.01
CA VAL B 280 3.31 30.45 -7.62
C VAL B 280 4.27 30.94 -8.74
N ASP B 281 5.56 30.86 -8.46
CA ASP B 281 6.56 31.25 -9.45
C ASP B 281 6.64 30.22 -10.57
N LYS B 282 6.68 28.94 -10.21
CA LYS B 282 6.86 27.88 -11.21
C LYS B 282 5.71 27.77 -12.22
N TRP B 283 4.49 28.03 -11.76
CA TRP B 283 3.32 27.96 -12.64
C TRP B 283 2.97 29.32 -13.24
N ASN B 284 3.90 30.28 -13.07
CA ASN B 284 3.78 31.64 -13.62
C ASN B 284 2.50 32.37 -13.23
N VAL B 285 1.98 32.05 -12.05
CA VAL B 285 0.67 32.56 -11.62
C VAL B 285 0.57 34.09 -11.70
N GLU B 286 1.56 34.79 -11.17
CA GLU B 286 1.58 36.26 -11.20
C GLU B 286 1.68 36.78 -12.64
N ARG B 287 2.37 36.02 -13.48
CA ARG B 287 2.63 36.40 -14.86
C ARG B 287 1.45 36.11 -15.80
N LEU B 288 0.40 35.50 -15.27
CA LEU B 288 -0.80 35.17 -16.05
C LEU B 288 -1.64 36.40 -16.37
N THR B 289 -2.22 36.39 -17.58
CA THR B 289 -3.26 37.35 -17.94
C THR B 289 -4.37 36.57 -18.65
N GLY B 290 -5.41 37.26 -19.13
CA GLY B 290 -6.51 36.60 -19.83
C GLY B 290 -7.61 36.09 -18.93
N LEU B 291 -7.36 36.10 -17.62
CA LEU B 291 -8.38 35.87 -16.60
C LEU B 291 -9.04 37.24 -16.48
N SER B 292 -10.36 37.38 -16.27
CA SER B 292 -11.38 36.38 -15.84
C SER B 292 -11.58 36.50 -14.33
N ASP B 293 -12.75 36.99 -13.93
CA ASP B 293 -12.95 37.53 -12.57
C ASP B 293 -12.68 36.54 -11.45
N GLU B 294 -13.38 35.41 -11.43
CA GLU B 294 -13.13 34.38 -10.42
C GLU B 294 -11.69 33.87 -10.51
N GLY B 295 -11.11 33.90 -11.72
CA GLY B 295 -9.72 33.55 -11.95
C GLY B 295 -8.76 34.62 -11.48
N ARG B 296 -9.16 35.88 -11.63
CA ARG B 296 -8.41 37.02 -11.10
C ARG B 296 -8.45 37.03 -9.58
N LYS B 297 -9.61 36.71 -9.00
CA LYS B 297 -9.74 36.54 -7.56
C LYS B 297 -8.75 35.48 -7.06
N ALA B 298 -8.68 34.37 -7.80
CA ALA B 298 -7.81 33.24 -7.48
C ALA B 298 -6.33 33.60 -7.56
N GLN B 299 -5.95 34.26 -8.66
CA GLN B 299 -4.58 34.72 -8.87
C GLN B 299 -4.14 35.67 -7.75
N GLU B 300 -5.00 36.64 -7.43
CA GLU B 300 -4.76 37.60 -6.35
C GLU B 300 -4.54 36.87 -5.04
N TYR B 301 -5.49 36.02 -4.66
CA TYR B 301 -5.42 35.24 -3.42
C TYR B 301 -4.09 34.49 -3.25
N VAL B 302 -3.76 33.70 -4.27
CA VAL B 302 -2.57 32.86 -4.25
C VAL B 302 -1.24 33.65 -4.20
N CYS B 303 -1.19 34.78 -4.90
CA CYS B 303 0.00 35.62 -4.92
C CYS B 303 0.19 36.43 -3.63
N GLU B 304 -0.92 36.79 -2.98
CA GLU B 304 -0.89 37.55 -1.73
C GLU B 304 -0.76 36.68 -0.47
N LEU B 305 -1.06 35.39 -0.59
CA LEU B 305 -1.15 34.48 0.56
C LEU B 305 0.18 34.27 1.28
N GLY B 306 1.23 33.95 0.53
CA GLY B 306 2.56 33.70 1.09
C GLY B 306 3.05 34.79 2.05
N PRO B 307 3.13 36.04 1.57
CA PRO B 307 3.44 37.17 2.47
C PRO B 307 2.56 37.21 3.72
N LYS B 308 1.25 36.96 3.56
CA LYS B 308 0.33 36.96 4.70
C LYS B 308 0.66 35.89 5.75
N ILE B 309 1.00 34.69 5.29
CA ILE B 309 1.25 33.55 6.20
C ILE B 309 2.51 33.73 7.05
N ARG B 310 3.54 34.37 6.49
CA ARG B 310 4.83 34.47 7.19
C ARG B 310 5.02 35.79 7.95
N ARG B 311 3.93 36.52 8.18
CA ARG B 311 4.00 37.78 8.92
C ARG B 311 4.13 37.69 10.46
N LEU B 312 3.32 36.94 11.25
CA LEU B 312 2.11 36.14 10.97
C LEU B 312 2.26 34.73 11.54
N GLU B 313 3.19 33.95 10.98
CA GLU B 313 3.69 32.74 11.64
C GLU B 313 4.91 33.12 12.51
N GLU B 314 5.63 34.15 12.07
CA GLU B 314 6.77 34.66 12.83
C GLU B 314 6.31 35.35 14.12
N ARG B 315 5.50 36.38 13.97
CA ARG B 315 4.48 36.70 14.97
C ARG B 315 4.27 35.54 15.93
N ALA B 316 3.48 34.56 15.51
CA ALA B 316 3.00 33.51 16.40
C ALA B 316 4.15 32.65 16.91
N GLN B 317 5.30 33.28 17.15
CA GLN B 317 6.40 32.63 17.85
C GLN B 317 6.93 33.50 18.97
N GLY B 318 7.10 34.80 18.69
CA GLY B 318 6.22 35.81 19.24
C GLY B 318 5.32 35.27 20.33
N ARG B 319 4.01 35.35 20.13
CA ARG B 319 3.14 35.15 21.29
C ARG B 319 3.28 33.76 21.92
N ALA B 320 4.10 32.89 21.35
CA ALA B 320 4.10 31.49 21.73
C ALA B 320 4.89 31.18 23.02
N LYS B 321 4.25 30.48 23.95
CA LYS B 321 4.92 30.01 25.17
C LYS B 321 5.68 28.70 24.93
N GLU B 322 6.93 28.67 25.36
CA GLU B 322 7.32 27.84 26.50
C GLU B 322 6.51 26.57 26.52
N ALA B 323 7.05 25.59 25.74
CA ALA B 323 6.36 24.35 25.39
C ALA B 323 6.50 23.28 26.47
N PRO B 324 5.42 22.55 26.77
CA PRO B 324 5.51 21.48 27.74
C PRO B 324 6.02 20.20 27.08
N THR B 325 6.43 19.23 27.90
CA THR B 325 6.83 17.92 27.38
C THR B 325 5.64 16.96 27.30
N MET B 326 5.67 16.08 26.30
CA MET B 326 4.60 15.14 26.01
C MET B 326 5.17 13.72 25.83
N PRO B 327 4.54 12.71 26.45
CA PRO B 327 4.93 11.34 26.14
C PRO B 327 4.44 10.92 24.76
N PHE B 328 5.24 10.08 24.08
CA PHE B 328 4.86 9.48 22.80
C PHE B 328 4.99 7.96 22.91
N SER B 329 3.91 7.25 22.63
CA SER B 329 3.93 5.78 22.64
C SER B 329 5.02 5.19 21.76
N TRP B 330 5.32 5.88 20.65
CA TRP B 330 6.34 5.44 19.70
C TRP B 330 7.70 5.27 20.35
N ILE B 331 7.97 6.08 21.37
CA ILE B 331 9.24 5.97 22.08
C ILE B 331 9.00 5.52 23.53
N PHE B 332 8.11 4.54 23.68
CA PHE B 332 7.83 3.89 24.97
C PHE B 332 7.31 4.84 26.05
N ASP B 333 6.52 5.82 25.62
CA ASP B 333 5.97 6.86 26.50
C ASP B 333 7.02 7.74 27.17
N ARG B 334 8.27 7.68 26.70
CA ARG B 334 9.27 8.70 27.06
C ARG B 334 8.81 10.03 26.47
N GLN B 335 9.31 11.13 27.01
CA GLN B 335 8.80 12.44 26.68
C GLN B 335 9.76 13.30 25.86
N VAL B 336 9.18 14.11 24.97
CA VAL B 336 9.93 15.15 24.27
C VAL B 336 9.15 16.47 24.31
N LYS B 337 9.87 17.57 24.10
CA LYS B 337 9.28 18.91 24.09
C LYS B 337 8.46 19.13 22.82
N LEU B 338 7.31 19.76 22.97
CA LEU B 338 6.47 20.15 21.85
C LEU B 338 6.91 21.49 21.27
#